data_4PWZ
#
_entry.id   4PWZ
#
_cell.length_a   52.440
_cell.length_b   95.813
_cell.length_c   80.514
_cell.angle_alpha   90.00
_cell.angle_beta   95.39
_cell.angle_gamma   90.00
#
_symmetry.space_group_name_H-M   'P 1 21 1'
#
loop_
_entity.id
_entity.type
_entity.pdbx_description
1 polymer 'Protein TolB'
2 non-polymer DI(HYDROXYETHYL)ETHER
3 non-polymer GLYCEROL
4 non-polymer '2-(N-MORPHOLINO)-ETHANESULFONIC ACID'
5 non-polymer 'SULFATE ION'
6 water water
#
_entity_poly.entity_id   1
_entity_poly.type   'polypeptide(L)'
_entity_poly.pdbx_seq_one_letter_code
;SNA(MSE)VRIEITQGVDSARPIGVVPFKW(MSE)GPGTPPEEIGAIVGADLRNSGKFNPIDAAR(MSE)PQQPSTAAEV
TPAAWTALGIDAVVVGQVQPSADGSYVVSYQLVDTSGSAGSILAQNQYKVTKQWLRYSAHTVSDEVFEKLTGIKGAFRTR
IAYVVKTNGGKFPHELRVSDYDGYNQFVVHRSPEPL(MSE)SPAWSPDGSKIAYVTFESGKSALVIQTLANGAIRQVASF
PRHNGAPAFSPDGTKLAFALSKSGSLNLYV(MSE)DLASGQISQVTDGRSNNTEPSWFPDSQNLAYTSDQGGRPQVYKVN
INGGVPQRITWEGSQNQNADVSPDGKFLVLVSSNGGAQHIAKQDLETGAVQVLTDTLLDETPSIAPNGT(MSE)VIYSST
QGLGSVLQLVSTDGRFKARLPATDGQVKFPAWSPYL
;
_entity_poly.pdbx_strand_id   A,B
#
# COMPACT_ATOMS: atom_id res chain seq x y z
N VAL A 5 10.68 -17.76 8.36
CA VAL A 5 11.44 -16.51 8.21
C VAL A 5 11.99 -16.03 9.55
N ARG A 6 13.28 -15.76 9.62
N ARG A 6 13.29 -15.77 9.61
CA ARG A 6 13.90 -15.33 10.86
CA ARG A 6 13.96 -15.38 10.85
C ARG A 6 15.18 -14.54 10.64
C ARG A 6 15.19 -14.53 10.60
N ILE A 7 15.34 -13.46 11.39
CA ILE A 7 16.59 -12.69 11.41
C ILE A 7 17.61 -13.42 12.27
N GLU A 8 18.69 -13.86 11.63
CA GLU A 8 19.76 -14.59 12.32
C GLU A 8 20.72 -13.65 13.02
N ILE A 9 20.73 -13.67 14.34
CA ILE A 9 21.60 -12.78 15.11
C ILE A 9 22.97 -13.41 15.27
N THR A 10 24.00 -12.73 14.76
CA THR A 10 25.35 -13.28 14.74
C THR A 10 26.23 -12.71 15.83
N GLN A 11 25.85 -11.53 16.32
CA GLN A 11 26.49 -10.92 17.46
C GLN A 11 25.45 -10.22 18.31
N GLY A 12 25.02 -10.89 19.36
CA GLY A 12 24.09 -10.29 20.29
C GLY A 12 24.81 -9.36 21.24
N VAL A 13 24.04 -8.59 22.01
CA VAL A 13 24.63 -7.78 23.06
C VAL A 13 24.23 -8.36 24.43
N ASP A 14 25.19 -9.00 25.10
CA ASP A 14 24.84 -9.77 26.27
C ASP A 14 24.38 -8.86 27.43
N SER A 15 24.72 -7.59 27.35
CA SER A 15 24.28 -6.63 28.37
C SER A 15 22.97 -5.92 28.01
N ALA A 16 22.26 -6.42 27.00
CA ALA A 16 20.99 -5.79 26.62
C ALA A 16 20.01 -5.88 27.77
N ARG A 17 19.05 -4.97 27.77
CA ARG A 17 18.14 -4.84 28.88
C ARG A 17 17.15 -6.00 28.94
N PRO A 18 17.14 -6.74 30.06
CA PRO A 18 16.16 -7.81 30.21
C PRO A 18 14.74 -7.28 30.23
N ILE A 19 13.85 -7.96 29.53
CA ILE A 19 12.46 -7.57 29.52
C ILE A 19 11.58 -8.82 29.45
N GLY A 20 10.37 -8.72 29.95
CA GLY A 20 9.45 -9.82 29.80
C GLY A 20 8.35 -9.47 28.81
N VAL A 21 8.24 -10.24 27.73
CA VAL A 21 7.10 -10.08 26.84
C VAL A 21 6.23 -11.33 26.96
N VAL A 22 5.13 -11.22 27.68
CA VAL A 22 4.26 -12.37 27.91
C VAL A 22 3.44 -12.70 26.69
N PRO A 23 3.27 -13.98 26.39
CA PRO A 23 2.41 -14.32 25.26
C PRO A 23 1.05 -13.72 25.52
N PHE A 24 0.45 -13.11 24.50
CA PHE A 24 -0.82 -12.44 24.68
C PHE A 24 -1.91 -13.46 24.86
N LYS A 25 -2.89 -13.17 25.69
CA LYS A 25 -3.97 -14.11 25.87
C LYS A 25 -4.99 -14.03 24.73
N TRP A 26 -5.23 -15.17 24.11
CA TRP A 26 -6.24 -15.30 23.08
C TRP A 26 -7.61 -15.52 23.71
N GLY A 28 -10.50 -16.18 22.35
CA GLY A 28 -11.46 -17.00 21.63
C GLY A 28 -11.19 -18.49 21.73
N PRO A 29 -11.95 -19.28 20.96
CA PRO A 29 -11.75 -20.73 20.88
C PRO A 29 -10.55 -21.01 19.99
N GLY A 30 -10.01 -22.23 20.07
CA GLY A 30 -8.90 -22.61 19.23
C GLY A 30 -7.68 -21.74 19.45
N THR A 31 -6.90 -21.57 18.39
CA THR A 31 -5.64 -20.84 18.47
C THR A 31 -5.73 -19.51 17.74
N PRO A 32 -4.94 -18.51 18.17
CA PRO A 32 -4.96 -17.21 17.49
C PRO A 32 -4.35 -17.26 16.10
N PRO A 33 -4.71 -16.31 15.22
CA PRO A 33 -4.16 -16.31 13.87
C PRO A 33 -2.70 -15.85 13.81
N GLU A 34 -2.25 -15.17 14.86
N GLU A 34 -2.25 -15.22 14.89
CA GLU A 34 -0.86 -14.76 15.01
CA GLU A 34 -0.86 -14.80 15.03
C GLU A 34 -0.49 -14.82 16.49
C GLU A 34 -0.49 -14.79 16.49
N GLU A 35 0.80 -14.95 16.79
CA GLU A 35 1.28 -14.83 18.17
C GLU A 35 1.88 -13.45 18.38
N ILE A 36 1.06 -12.49 18.81
CA ILE A 36 1.50 -11.11 18.90
C ILE A 36 2.72 -10.95 19.82
N GLY A 37 2.69 -11.61 20.97
CA GLY A 37 3.78 -11.52 21.92
C GLY A 37 5.13 -11.99 21.39
N ALA A 38 5.11 -13.03 20.57
CA ALA A 38 6.34 -13.57 19.97
C ALA A 38 6.95 -12.55 19.01
N ILE A 39 6.09 -11.86 18.26
CA ILE A 39 6.57 -10.85 17.34
C ILE A 39 7.16 -9.65 18.09
N VAL A 40 6.50 -9.23 19.16
CA VAL A 40 6.98 -8.09 19.95
C VAL A 40 8.34 -8.44 20.56
N GLY A 41 8.45 -9.64 21.11
CA GLY A 41 9.73 -10.10 21.64
C GLY A 41 10.82 -10.14 20.57
N ALA A 42 10.51 -10.68 19.40
CA ALA A 42 11.49 -10.71 18.31
C ALA A 42 11.94 -9.30 17.93
N ASP A 43 10.98 -8.38 17.79
CA ASP A 43 11.28 -6.99 17.47
C ASP A 43 12.27 -6.38 18.47
N LEU A 44 11.95 -6.50 19.75
CA LEU A 44 12.77 -5.84 20.75
C LEU A 44 14.17 -6.47 20.77
N ARG A 45 14.26 -7.78 20.56
CA ARG A 45 15.57 -8.40 20.47
C ARG A 45 16.33 -7.92 19.23
N ASN A 46 15.62 -7.76 18.11
CA ASN A 46 16.20 -7.27 16.85
C ASN A 46 16.73 -5.84 16.91
N SER A 47 16.28 -5.08 17.91
CA SER A 47 16.73 -3.69 18.06
C SER A 47 18.12 -3.62 18.64
N GLY A 48 18.57 -4.73 19.23
CA GLY A 48 19.85 -4.75 19.92
C GLY A 48 19.82 -4.12 21.31
N LYS A 49 18.65 -3.69 21.76
N LYS A 49 18.65 -3.69 21.74
CA LYS A 49 18.57 -2.98 23.02
CA LYS A 49 18.54 -2.98 23.03
C LYS A 49 17.80 -3.73 24.13
C LYS A 49 18.03 -3.86 24.16
N PHE A 50 17.29 -4.91 23.80
CA PHE A 50 16.57 -5.73 24.79
C PHE A 50 16.92 -7.21 24.70
N ASN A 51 16.73 -7.88 25.83
CA ASN A 51 16.92 -9.33 25.97
C ASN A 51 15.65 -9.94 26.53
N PRO A 52 14.69 -10.26 25.67
CA PRO A 52 13.41 -10.81 26.18
C PRO A 52 13.64 -12.19 26.78
N ILE A 53 13.07 -12.43 27.96
CA ILE A 53 13.29 -13.70 28.65
C ILE A 53 12.46 -14.79 27.97
N ASP A 54 12.97 -16.02 27.99
CA ASP A 54 12.23 -17.18 27.47
C ASP A 54 10.94 -17.35 28.25
N ALA A 55 9.83 -17.63 27.53
CA ALA A 55 8.54 -17.86 28.19
C ALA A 55 8.61 -18.98 29.23
N ALA A 56 9.45 -19.98 28.98
CA ALA A 56 9.56 -21.11 29.90
C ALA A 56 10.08 -20.70 31.28
N ARG A 57 10.78 -19.57 31.34
CA ARG A 57 11.36 -19.11 32.59
C ARG A 57 10.54 -18.03 33.26
N PRO A 59 7.68 -16.40 35.54
CA PRO A 59 7.11 -16.82 36.82
C PRO A 59 5.59 -16.93 36.77
N GLN A 60 5.00 -16.31 35.76
CA GLN A 60 3.55 -16.28 35.53
C GLN A 60 3.32 -15.75 34.13
N GLN A 61 2.11 -15.88 33.60
CA GLN A 61 1.79 -15.22 32.33
C GLN A 61 0.54 -14.33 32.47
N PRO A 62 0.70 -13.19 33.14
CA PRO A 62 -0.41 -12.24 33.31
C PRO A 62 -0.80 -11.65 31.96
N SER A 63 -2.05 -11.26 31.79
CA SER A 63 -2.47 -10.62 30.55
C SER A 63 -2.97 -9.20 30.79
N THR A 64 -2.97 -8.78 32.05
CA THR A 64 -3.35 -7.40 32.39
C THR A 64 -2.57 -6.95 33.62
N ALA A 65 -2.51 -5.64 33.85
CA ALA A 65 -1.69 -5.09 34.92
C ALA A 65 -2.08 -5.65 36.29
N ALA A 66 -3.37 -5.86 36.50
CA ALA A 66 -3.85 -6.31 37.81
C ALA A 66 -3.32 -7.71 38.15
N GLU A 67 -2.92 -8.45 37.13
CA GLU A 67 -2.43 -9.83 37.31
C GLU A 67 -0.92 -9.90 37.54
N VAL A 68 -0.22 -8.80 37.25
CA VAL A 68 1.24 -8.81 37.37
C VAL A 68 1.67 -8.81 38.83
N THR A 69 2.58 -9.72 39.17
CA THR A 69 3.17 -9.77 40.50
C THR A 69 4.61 -9.28 40.40
N PRO A 70 4.83 -7.99 40.72
CA PRO A 70 6.13 -7.36 40.41
C PRO A 70 7.33 -8.06 41.04
N ALA A 71 7.19 -8.59 42.25
CA ALA A 71 8.31 -9.21 42.95
C ALA A 71 8.89 -10.37 42.15
N ALA A 72 8.02 -11.15 41.52
CA ALA A 72 8.48 -12.32 40.77
C ALA A 72 9.35 -11.91 39.58
N TRP A 73 9.10 -10.72 39.03
CA TRP A 73 9.82 -10.26 37.86
C TRP A 73 11.13 -9.54 38.20
N THR A 74 11.12 -8.70 39.23
N THR A 74 11.14 -8.72 39.24
CA THR A 74 12.34 -8.01 39.63
CA THR A 74 12.36 -7.99 39.58
C THR A 74 13.39 -8.98 40.11
C THR A 74 13.39 -8.91 40.24
N ALA A 75 12.94 -10.06 40.73
CA ALA A 75 13.85 -11.08 41.24
C ALA A 75 14.63 -11.71 40.09
N LEU A 76 14.06 -11.65 38.88
CA LEU A 76 14.72 -12.17 37.69
C LEU A 76 15.44 -11.05 36.93
N GLY A 77 15.48 -9.86 37.51
CA GLY A 77 16.18 -8.74 36.90
C GLY A 77 15.39 -7.99 35.85
N ILE A 78 14.07 -8.18 35.88
CA ILE A 78 13.19 -7.58 34.89
C ILE A 78 12.32 -6.48 35.49
N ASP A 79 12.46 -5.26 34.98
CA ASP A 79 11.68 -4.14 35.55
C ASP A 79 10.52 -3.67 34.66
N ALA A 80 10.26 -4.40 33.57
CA ALA A 80 9.14 -4.08 32.68
C ALA A 80 8.60 -5.35 32.02
N VAL A 81 7.28 -5.48 31.99
CA VAL A 81 6.68 -6.62 31.35
C VAL A 81 5.63 -6.13 30.35
N VAL A 82 5.64 -6.73 29.17
CA VAL A 82 4.61 -6.43 28.19
C VAL A 82 3.57 -7.52 28.31
N VAL A 83 2.33 -7.14 28.55
CA VAL A 83 1.23 -8.11 28.60
C VAL A 83 0.17 -7.70 27.59
N GLY A 84 -0.72 -8.63 27.22
CA GLY A 84 -1.75 -8.28 26.28
C GLY A 84 -2.79 -9.33 26.01
N GLN A 85 -3.75 -8.97 25.17
CA GLN A 85 -4.85 -9.85 24.83
C GLN A 85 -5.20 -9.68 23.37
N VAL A 86 -5.73 -10.72 22.75
CA VAL A 86 -6.26 -10.60 21.42
C VAL A 86 -7.68 -11.14 21.40
N GLN A 87 -8.61 -10.30 21.00
CA GLN A 87 -10.03 -10.62 21.01
C GLN A 87 -10.60 -10.61 19.61
N PRO A 88 -11.16 -11.72 19.18
CA PRO A 88 -11.79 -11.77 17.86
C PRO A 88 -13.08 -10.99 17.92
N SER A 89 -13.41 -10.27 16.86
CA SER A 89 -14.65 -9.52 16.79
C SER A 89 -15.62 -10.26 15.90
N ALA A 90 -16.89 -9.89 15.99
CA ALA A 90 -17.94 -10.56 15.25
C ALA A 90 -17.71 -10.47 13.74
N ASP A 91 -17.22 -9.35 13.27
CA ASP A 91 -17.03 -9.11 11.85
C ASP A 91 -15.80 -9.78 11.25
N GLY A 92 -15.07 -10.51 12.10
CA GLY A 92 -13.85 -11.15 11.66
C GLY A 92 -12.57 -10.36 11.84
N SER A 93 -12.67 -9.20 12.48
CA SER A 93 -11.52 -8.43 12.88
C SER A 93 -11.09 -8.87 14.27
N TYR A 94 -9.97 -8.32 14.70
CA TYR A 94 -9.39 -8.59 16.01
C TYR A 94 -9.10 -7.30 16.74
N VAL A 95 -9.29 -7.31 18.04
CA VAL A 95 -8.83 -6.20 18.86
C VAL A 95 -7.58 -6.66 19.60
N VAL A 96 -6.44 -6.06 19.26
CA VAL A 96 -5.17 -6.37 19.92
C VAL A 96 -4.92 -5.33 21.00
N SER A 97 -4.83 -5.77 22.25
N SER A 97 -4.81 -5.76 22.25
CA SER A 97 -4.58 -4.89 23.40
CA SER A 97 -4.58 -4.82 23.36
C SER A 97 -3.23 -5.19 24.03
C SER A 97 -3.28 -5.18 24.08
N TYR A 98 -2.53 -4.16 24.53
CA TYR A 98 -1.30 -4.45 25.27
C TYR A 98 -1.22 -3.47 26.44
N GLN A 99 -0.43 -3.84 27.43
CA GLN A 99 -0.05 -2.91 28.48
C GLN A 99 1.43 -3.10 28.76
N LEU A 100 2.17 -2.00 28.85
CA LEU A 100 3.56 -2.05 29.32
C LEU A 100 3.56 -1.79 30.81
N VAL A 101 3.99 -2.77 31.59
CA VAL A 101 3.85 -2.69 33.04
C VAL A 101 5.21 -2.65 33.74
N ASP A 102 5.44 -1.56 34.47
CA ASP A 102 6.61 -1.38 35.32
C ASP A 102 6.52 -2.28 36.55
N THR A 103 7.58 -3.00 36.85
CA THR A 103 7.54 -3.91 37.98
C THR A 103 8.48 -3.45 39.09
N SER A 104 8.80 -2.17 39.12
CA SER A 104 9.76 -1.69 40.12
C SER A 104 9.13 -1.30 41.46
N GLY A 105 7.79 -1.33 41.52
CA GLY A 105 7.08 -1.06 42.76
C GLY A 105 6.38 -2.28 43.33
N SER A 106 5.56 -2.08 44.37
CA SER A 106 4.86 -3.19 45.02
C SER A 106 3.75 -3.77 44.14
N ALA A 107 3.13 -2.90 43.34
CA ALA A 107 2.14 -3.33 42.37
C ALA A 107 2.55 -2.83 40.99
N GLY A 108 2.06 -3.51 39.96
CA GLY A 108 2.30 -3.09 38.59
C GLY A 108 1.85 -1.65 38.38
N SER A 109 2.58 -0.95 37.52
N SER A 109 2.57 -0.94 37.52
CA SER A 109 2.25 0.41 37.12
CA SER A 109 2.17 0.41 37.12
C SER A 109 2.26 0.42 35.60
C SER A 109 2.29 0.51 35.62
N ILE A 110 1.27 1.04 34.97
CA ILE A 110 1.28 1.09 33.50
C ILE A 110 2.08 2.27 32.99
N LEU A 111 3.03 1.99 32.10
CA LEU A 111 3.85 3.02 31.48
C LEU A 111 3.28 3.46 30.14
N ALA A 112 2.67 2.50 29.45
CA ALA A 112 2.00 2.75 28.20
C ALA A 112 0.96 1.67 27.94
N GLN A 113 -0.10 2.00 27.23
CA GLN A 113 -1.04 0.98 26.82
C GLN A 113 -1.86 1.45 25.61
N ASN A 114 -2.36 0.50 24.83
CA ASN A 114 -3.15 0.83 23.66
C ASN A 114 -3.95 -0.38 23.15
N GLN A 115 -4.92 -0.11 22.28
CA GLN A 115 -5.65 -1.17 21.60
C GLN A 115 -5.80 -0.88 20.12
N TYR A 116 -5.77 -1.93 19.30
CA TYR A 116 -5.76 -1.77 17.84
C TYR A 116 -6.82 -2.70 17.26
N LYS A 117 -7.62 -2.20 16.31
N LYS A 117 -7.61 -2.20 16.30
CA LYS A 117 -8.55 -3.06 15.58
CA LYS A 117 -8.56 -3.05 15.57
C LYS A 117 -7.98 -3.34 14.20
C LYS A 117 -8.02 -3.34 14.18
N VAL A 118 -7.73 -4.61 13.90
CA VAL A 118 -7.17 -4.99 12.61
C VAL A 118 -7.76 -6.28 12.10
N THR A 119 -7.64 -6.50 10.80
CA THR A 119 -7.95 -7.80 10.22
C THR A 119 -6.64 -8.58 10.06
N LYS A 120 -6.75 -9.84 9.63
N LYS A 120 -6.74 -9.85 9.65
CA LYS A 120 -5.65 -10.80 9.61
CA LYS A 120 -5.60 -10.77 9.67
C LYS A 120 -4.36 -10.26 9.00
C LYS A 120 -4.34 -10.23 9.01
N GLN A 121 -4.49 -9.61 7.85
CA GLN A 121 -3.35 -9.07 7.11
C GLN A 121 -2.52 -8.05 7.89
N TRP A 122 -3.11 -7.43 8.89
CA TRP A 122 -2.40 -6.41 9.65
C TRP A 122 -2.19 -6.79 11.11
N LEU A 123 -2.26 -8.08 11.42
CA LEU A 123 -1.89 -8.51 12.77
C LEU A 123 -0.40 -8.32 13.03
N ARG A 124 0.46 -8.63 12.06
CA ARG A 124 1.89 -8.39 12.30
C ARG A 124 2.13 -6.90 12.45
N TYR A 125 1.45 -6.13 11.61
CA TYR A 125 1.51 -4.67 11.68
C TYR A 125 1.15 -4.16 13.10
N SER A 126 0.09 -4.71 13.68
N SER A 126 0.07 -4.70 13.67
CA SER A 126 -0.32 -4.28 15.02
CA SER A 126 -0.33 -4.35 15.03
C SER A 126 0.73 -4.66 16.05
C SER A 126 0.76 -4.65 16.03
N ALA A 127 1.36 -5.82 15.89
CA ALA A 127 2.41 -6.24 16.79
C ALA A 127 3.60 -5.29 16.70
N HIS A 128 3.98 -4.90 15.49
CA HIS A 128 5.04 -3.92 15.32
C HIS A 128 4.66 -2.58 15.94
N THR A 129 3.37 -2.28 16.00
CA THR A 129 2.92 -1.02 16.56
C THR A 129 3.12 -1.06 18.08
N VAL A 130 2.79 -2.20 18.68
CA VAL A 130 3.07 -2.44 20.10
C VAL A 130 4.56 -2.27 20.38
N SER A 131 5.37 -2.93 19.57
CA SER A 131 6.82 -2.88 19.73
C SER A 131 7.32 -1.44 19.67
N ASP A 132 6.80 -0.69 18.69
CA ASP A 132 7.14 0.73 18.54
C ASP A 132 6.81 1.55 19.80
N GLU A 133 5.63 1.33 20.36
CA GLU A 133 5.26 2.13 21.53
C GLU A 133 6.10 1.76 22.74
N VAL A 134 6.33 0.46 22.92
CA VAL A 134 7.13 0.00 24.03
C VAL A 134 8.56 0.51 23.92
N PHE A 135 9.11 0.39 22.72
CA PHE A 135 10.50 0.76 22.47
C PHE A 135 10.72 2.25 22.77
N GLU A 136 9.81 3.09 22.28
CA GLU A 136 9.98 4.52 22.47
C GLU A 136 9.79 4.90 23.94
N LYS A 137 8.85 4.26 24.62
CA LYS A 137 8.62 4.59 26.02
C LYS A 137 9.83 4.24 26.86
N LEU A 138 10.42 3.07 26.61
CA LEU A 138 11.55 2.63 27.41
C LEU A 138 12.88 3.27 26.99
N THR A 139 13.08 3.56 25.71
CA THR A 139 14.42 4.04 25.28
C THR A 139 14.45 5.54 24.98
N GLY A 140 13.29 6.11 24.70
CA GLY A 140 13.23 7.50 24.26
C GLY A 140 13.46 7.67 22.77
N ILE A 141 13.71 6.56 22.07
CA ILE A 141 13.98 6.59 20.65
C ILE A 141 12.76 6.06 19.90
N LYS A 142 12.34 6.74 18.85
CA LYS A 142 11.17 6.29 18.08
C LYS A 142 11.43 4.92 17.44
N GLY A 143 10.43 4.04 17.48
CA GLY A 143 10.59 2.70 16.93
C GLY A 143 10.49 2.64 15.41
N ALA A 144 11.25 1.71 14.81
CA ALA A 144 11.24 1.52 13.37
C ALA A 144 10.72 0.13 12.98
N PHE A 145 9.89 -0.47 13.83
CA PHE A 145 9.52 -1.86 13.57
C PHE A 145 8.44 -2.01 12.52
N ARG A 146 7.75 -0.92 12.20
N ARG A 146 7.76 -0.91 12.21
CA ARG A 146 6.68 -0.95 11.18
CA ARG A 146 6.70 -0.93 11.21
C ARG A 146 7.22 -0.67 9.78
C ARG A 146 7.21 -0.52 9.83
N THR A 147 8.53 -0.54 9.67
CA THR A 147 9.14 -0.13 8.41
C THR A 147 9.32 -1.27 7.43
N ARG A 148 9.64 -0.90 6.21
CA ARG A 148 9.91 -1.84 5.13
C ARG A 148 11.34 -1.68 4.64
N ILE A 149 11.82 -2.67 3.89
CA ILE A 149 13.06 -2.56 3.14
C ILE A 149 12.79 -2.94 1.68
N ALA A 150 13.55 -2.33 0.78
CA ALA A 150 13.52 -2.67 -0.62
C ALA A 150 14.90 -3.17 -0.97
N TYR A 151 14.96 -4.08 -1.93
CA TYR A 151 16.21 -4.69 -2.34
C TYR A 151 16.05 -5.37 -3.69
N VAL A 152 17.17 -5.68 -4.32
CA VAL A 152 17.17 -6.30 -5.63
C VAL A 152 17.72 -7.72 -5.53
N VAL A 153 17.01 -8.66 -6.15
CA VAL A 153 17.40 -10.05 -6.15
C VAL A 153 17.65 -10.54 -7.57
N LYS A 154 18.78 -11.21 -7.78
CA LYS A 154 19.02 -11.90 -9.04
C LYS A 154 18.86 -13.39 -8.80
N THR A 155 17.80 -13.96 -9.34
CA THR A 155 17.62 -15.40 -9.26
C THR A 155 18.45 -16.12 -10.30
N ASN A 156 18.74 -17.38 -10.03
CA ASN A 156 19.68 -18.08 -10.90
C ASN A 156 19.08 -18.39 -12.27
N GLY A 157 17.78 -18.62 -12.36
CA GLY A 157 17.17 -18.93 -13.64
C GLY A 157 15.88 -18.17 -13.91
N GLY A 158 15.51 -18.16 -15.20
CA GLY A 158 14.23 -17.65 -15.65
C GLY A 158 14.29 -16.46 -16.58
N LYS A 159 13.17 -16.18 -17.20
CA LYS A 159 13.00 -15.06 -18.12
C LYS A 159 13.19 -13.70 -17.45
N PHE A 160 12.81 -13.58 -16.19
CA PHE A 160 12.93 -12.32 -15.47
C PHE A 160 13.72 -12.51 -14.19
N PRO A 161 15.03 -12.70 -14.32
CA PRO A 161 15.90 -13.01 -13.18
C PRO A 161 16.07 -11.88 -12.18
N HIS A 162 15.91 -10.64 -12.62
CA HIS A 162 16.13 -9.50 -11.75
C HIS A 162 14.80 -8.98 -11.21
N GLU A 163 14.70 -8.91 -9.89
CA GLU A 163 13.48 -8.42 -9.26
C GLU A 163 13.79 -7.37 -8.20
N LEU A 164 13.06 -6.27 -8.29
CA LEU A 164 12.97 -5.30 -7.20
C LEU A 164 11.90 -5.76 -6.24
N ARG A 165 12.29 -6.05 -5.00
CA ARG A 165 11.37 -6.55 -4.00
C ARG A 165 11.27 -5.65 -2.79
N VAL A 166 10.17 -5.79 -2.06
CA VAL A 166 9.96 -5.10 -0.80
C VAL A 166 9.53 -6.11 0.23
N SER A 167 9.98 -5.96 1.48
CA SER A 167 9.44 -6.77 2.56
C SER A 167 9.33 -5.92 3.81
N ASP A 168 8.74 -6.48 4.86
CA ASP A 168 8.84 -5.83 6.17
C ASP A 168 10.31 -5.87 6.58
N TYR A 169 10.73 -5.06 7.54
CA TYR A 169 12.16 -4.98 7.88
C TYR A 169 12.63 -6.37 8.34
N ASP A 170 11.73 -7.15 8.89
CA ASP A 170 12.10 -8.43 9.46
C ASP A 170 11.99 -9.60 8.47
N GLY A 171 11.70 -9.28 7.22
CA GLY A 171 11.68 -10.23 6.16
C GLY A 171 10.33 -10.82 5.81
N TYR A 172 9.33 -10.58 6.64
CA TYR A 172 8.01 -11.10 6.32
C TYR A 172 7.34 -10.27 5.23
N ASN A 173 6.38 -10.87 4.55
CA ASN A 173 5.52 -10.13 3.67
C ASN A 173 6.21 -9.59 2.40
N GLN A 174 7.14 -10.39 1.95
N GLN A 174 7.12 -10.40 1.95
CA GLN A 174 7.86 -10.04 0.72
CA GLN A 174 7.86 -10.12 0.71
C GLN A 174 6.89 -9.95 -0.45
C GLN A 174 6.90 -9.99 -0.48
N PHE A 175 7.04 -8.91 -1.25
CA PHE A 175 6.38 -8.90 -2.53
C PHE A 175 7.27 -8.33 -3.60
N VAL A 176 6.92 -8.62 -4.85
CA VAL A 176 7.69 -8.15 -5.99
C VAL A 176 7.12 -6.83 -6.53
N VAL A 177 7.96 -5.81 -6.58
CA VAL A 177 7.58 -4.54 -7.18
C VAL A 177 7.71 -4.53 -8.69
N HIS A 178 8.83 -5.03 -9.17
CA HIS A 178 9.08 -5.03 -10.58
C HIS A 178 10.04 -6.16 -10.93
N ARG A 179 9.77 -6.85 -12.04
CA ARG A 179 10.68 -7.86 -12.50
C ARG A 179 11.18 -7.52 -13.90
N SER A 180 12.38 -7.99 -14.18
CA SER A 180 13.07 -7.56 -15.39
C SER A 180 14.04 -8.60 -15.95
N PRO A 181 14.16 -8.67 -17.29
CA PRO A 181 15.17 -9.50 -17.94
C PRO A 181 16.58 -8.94 -17.67
N GLU A 182 16.64 -7.65 -17.35
CA GLU A 182 17.91 -6.93 -17.27
C GLU A 182 18.09 -6.35 -15.85
N PRO A 183 19.34 -6.03 -15.48
CA PRO A 183 19.63 -5.55 -14.12
C PRO A 183 18.79 -4.35 -13.64
N LEU A 184 18.53 -4.35 -12.33
CA LEU A 184 17.84 -3.28 -11.63
C LEU A 184 18.78 -2.83 -10.53
N SER A 186 19.84 0.33 -7.26
CA SER A 186 19.77 1.56 -6.49
C SER A 186 18.36 2.06 -6.17
N PRO A 187 17.50 1.20 -5.60
CA PRO A 187 16.18 1.72 -5.24
C PRO A 187 16.25 2.80 -4.16
N ALA A 188 15.34 3.76 -4.26
CA ALA A 188 15.24 4.84 -3.28
C ALA A 188 13.79 5.15 -2.96
N TRP A 189 13.46 5.16 -1.67
CA TRP A 189 12.11 5.42 -1.20
C TRP A 189 11.74 6.90 -1.21
N SER A 190 10.51 7.21 -1.63
CA SER A 190 9.96 8.53 -1.38
C SER A 190 9.71 8.62 0.11
N PRO A 191 9.79 9.82 0.70
CA PRO A 191 9.69 9.94 2.16
C PRO A 191 8.31 9.62 2.73
N ASP A 192 7.28 9.52 1.88
CA ASP A 192 5.97 9.09 2.36
C ASP A 192 5.76 7.58 2.19
N GLY A 193 6.75 6.90 1.65
CA GLY A 193 6.67 5.46 1.48
C GLY A 193 5.76 4.96 0.37
N SER A 194 5.33 5.85 -0.52
N SER A 194 5.32 5.86 -0.50
CA SER A 194 4.34 5.46 -1.53
CA SER A 194 4.35 5.52 -1.54
C SER A 194 4.96 5.16 -2.89
C SER A 194 5.00 5.07 -2.84
N LYS A 195 6.23 5.54 -3.07
CA LYS A 195 6.89 5.34 -4.36
C LYS A 195 8.35 4.93 -4.17
N ILE A 196 8.89 4.24 -5.17
CA ILE A 196 10.32 3.89 -5.17
C ILE A 196 10.91 4.28 -6.51
N ALA A 197 12.01 5.01 -6.47
CA ALA A 197 12.78 5.28 -7.69
C ALA A 197 13.87 4.24 -7.82
N TYR A 198 14.18 3.84 -9.05
CA TYR A 198 15.27 2.92 -9.30
C TYR A 198 15.80 3.05 -10.71
N VAL A 199 16.96 2.44 -10.94
CA VAL A 199 17.59 2.50 -12.23
C VAL A 199 17.39 1.15 -12.91
N THR A 200 17.06 1.20 -14.19
CA THR A 200 16.80 -0.01 -14.95
C THR A 200 17.48 -0.05 -16.30
N PHE A 201 17.95 -1.24 -16.66
CA PHE A 201 18.61 -1.51 -17.93
C PHE A 201 17.68 -2.14 -18.95
N GLU A 202 16.39 -2.26 -18.65
CA GLU A 202 15.44 -3.00 -19.48
C GLU A 202 15.25 -2.56 -20.91
N SER A 203 15.19 -1.26 -21.11
CA SER A 203 14.84 -0.72 -22.39
C SER A 203 16.01 -0.70 -23.34
N GLY A 204 17.18 -1.09 -22.85
CA GLY A 204 18.40 -0.87 -23.59
C GLY A 204 19.24 0.13 -22.85
N LYS A 205 19.26 1.37 -23.32
CA LYS A 205 19.90 2.42 -22.59
C LYS A 205 19.22 2.67 -21.22
N SER A 206 20.11 2.89 -20.25
N SER A 206 20.14 2.80 -20.20
CA SER A 206 19.73 2.90 -18.84
CA SER A 206 19.70 2.83 -18.82
C SER A 206 18.79 4.04 -18.49
C SER A 206 18.73 3.97 -18.56
N ALA A 207 17.87 3.78 -17.57
CA ALA A 207 16.90 4.81 -17.26
C ALA A 207 16.59 4.91 -15.79
N LEU A 208 16.20 6.09 -15.34
CA LEU A 208 15.74 6.30 -13.99
C LEU A 208 14.23 6.48 -14.02
N VAL A 209 13.55 5.68 -13.21
CA VAL A 209 12.11 5.67 -13.19
C VAL A 209 11.62 5.78 -11.77
N ILE A 210 10.38 6.24 -11.61
CA ILE A 210 9.74 6.25 -10.31
C ILE A 210 8.49 5.40 -10.39
N GLN A 211 8.39 4.42 -9.51
CA GLN A 211 7.25 3.51 -9.55
C GLN A 211 6.34 3.74 -8.35
N THR A 212 5.05 3.83 -8.62
CA THR A 212 4.06 4.04 -7.58
C THR A 212 3.64 2.66 -7.08
N LEU A 213 3.80 2.41 -5.78
CA LEU A 213 3.59 1.06 -5.25
C LEU A 213 2.14 0.60 -5.31
N ALA A 214 1.20 1.52 -5.10
CA ALA A 214 -0.22 1.16 -5.06
C ALA A 214 -0.74 0.50 -6.33
N ASN A 215 -0.28 0.93 -7.49
CA ASN A 215 -0.85 0.43 -8.75
C ASN A 215 0.20 0.01 -9.78
N GLY A 216 1.47 0.13 -9.41
CA GLY A 216 2.56 -0.23 -10.31
C GLY A 216 2.90 0.79 -11.38
N ALA A 217 2.31 1.99 -11.34
CA ALA A 217 2.52 2.94 -12.42
C ALA A 217 3.98 3.39 -12.44
N ILE A 218 4.53 3.56 -13.64
CA ILE A 218 5.95 3.91 -13.79
C ILE A 218 6.12 5.23 -14.53
N ARG A 219 6.85 6.16 -13.92
N ARG A 219 6.80 6.17 -13.88
CA ARG A 219 7.11 7.47 -14.50
CA ARG A 219 7.14 7.45 -14.49
C ARG A 219 8.59 7.62 -14.87
C ARG A 219 8.61 7.44 -14.91
N GLN A 220 8.87 7.80 -16.16
CA GLN A 220 10.25 7.93 -16.65
C GLN A 220 10.83 9.27 -16.19
N VAL A 221 12.00 9.26 -15.56
CA VAL A 221 12.66 10.52 -15.17
C VAL A 221 13.72 10.97 -16.17
N ALA A 222 14.61 10.04 -16.50
CA ALA A 222 15.69 10.33 -17.44
C ALA A 222 16.25 9.04 -17.99
N SER A 223 16.86 9.11 -19.17
CA SER A 223 17.65 7.99 -19.67
C SER A 223 19.07 8.49 -19.94
N PHE A 224 20.02 7.58 -19.89
CA PHE A 224 21.42 7.94 -19.76
C PHE A 224 22.39 6.75 -19.87
N PRO A 225 23.72 7.03 -19.91
CA PRO A 225 24.71 5.94 -19.90
C PRO A 225 24.70 5.12 -18.60
N ARG A 226 25.40 4.00 -18.63
CA ARG A 226 25.34 3.00 -17.55
C ARG A 226 25.68 3.50 -16.14
N HIS A 227 26.58 4.47 -16.02
CA HIS A 227 27.07 4.85 -14.70
C HIS A 227 26.28 6.02 -14.11
N ASN A 228 25.22 6.44 -14.79
CA ASN A 228 24.41 7.52 -14.23
C ASN A 228 23.34 6.93 -13.31
N GLY A 229 22.68 7.79 -12.52
CA GLY A 229 21.56 7.33 -11.70
C GLY A 229 21.68 7.73 -10.22
N ALA A 230 21.75 6.72 -9.34
CA ALA A 230 21.89 6.93 -7.89
C ALA A 230 20.86 7.89 -7.30
N PRO A 231 19.55 7.60 -7.47
CA PRO A 231 18.51 8.52 -6.98
C PRO A 231 18.41 8.63 -5.45
N ALA A 232 17.95 9.79 -5.00
CA ALA A 232 17.63 10.02 -3.59
C ALA A 232 16.55 11.10 -3.49
N PHE A 233 15.41 10.76 -2.89
CA PHE A 233 14.33 11.73 -2.62
C PHE A 233 14.67 12.66 -1.46
N SER A 234 14.31 13.93 -1.59
CA SER A 234 14.54 14.86 -0.47
C SER A 234 13.56 14.53 0.64
N PRO A 235 13.98 14.71 1.90
CA PRO A 235 13.08 14.42 3.02
C PRO A 235 11.78 15.23 2.98
N ASP A 236 11.80 16.44 2.43
CA ASP A 236 10.58 17.25 2.44
C ASP A 236 9.63 16.90 1.29
N GLY A 237 10.02 15.93 0.47
CA GLY A 237 9.13 15.39 -0.55
C GLY A 237 9.06 16.19 -1.83
N THR A 238 9.83 17.25 -1.94
CA THR A 238 9.73 18.14 -3.11
C THR A 238 10.72 17.84 -4.24
N LYS A 239 11.79 17.11 -3.95
CA LYS A 239 12.90 17.00 -4.91
C LYS A 239 13.40 15.58 -5.02
N LEU A 240 13.95 15.26 -6.19
CA LEU A 240 14.66 14.00 -6.40
C LEU A 240 16.05 14.35 -6.91
N ALA A 241 17.08 13.89 -6.20
CA ALA A 241 18.45 14.10 -6.63
C ALA A 241 18.95 12.86 -7.36
N PHE A 242 19.85 13.07 -8.32
CA PHE A 242 20.46 11.98 -9.07
C PHE A 242 21.68 12.49 -9.83
N ALA A 243 22.40 11.59 -10.48
CA ALA A 243 23.66 11.97 -11.13
C ALA A 243 23.58 11.71 -12.63
N LEU A 244 23.96 12.71 -13.42
CA LEU A 244 23.97 12.60 -14.88
C LEU A 244 25.36 12.97 -15.39
N SER A 245 25.79 12.37 -16.49
CA SER A 245 27.09 12.72 -17.06
C SER A 245 26.98 13.57 -18.34
N LYS A 246 25.81 14.16 -18.61
CA LYS A 246 25.64 14.87 -19.87
C LYS A 246 26.52 16.13 -19.99
N SER A 247 27.07 16.62 -18.87
CA SER A 247 27.97 17.77 -18.91
C SER A 247 29.38 17.37 -19.33
N GLY A 248 29.63 16.07 -19.41
CA GLY A 248 30.96 15.58 -19.74
C GLY A 248 31.59 14.78 -18.60
N SER A 249 30.97 14.83 -17.44
CA SER A 249 31.32 14.02 -16.28
C SER A 249 30.10 13.90 -15.36
N LEU A 250 30.13 12.95 -14.45
CA LEU A 250 29.05 12.81 -13.52
C LEU A 250 28.94 14.02 -12.65
N ASN A 251 27.74 14.54 -12.54
CA ASN A 251 27.44 15.67 -11.68
C ASN A 251 26.04 15.50 -11.10
N LEU A 252 25.78 16.16 -9.97
CA LEU A 252 24.50 16.08 -9.29
C LEU A 252 23.46 17.03 -9.89
N TYR A 253 22.24 16.52 -10.01
CA TYR A 253 21.13 17.30 -10.48
C TYR A 253 19.99 17.05 -9.51
N VAL A 254 19.10 18.02 -9.43
N VAL A 254 19.07 18.01 -9.47
CA VAL A 254 17.86 17.81 -8.69
CA VAL A 254 17.86 17.88 -8.68
C VAL A 254 16.68 18.11 -9.60
C VAL A 254 16.64 18.18 -9.53
N ASP A 256 12.69 19.05 -9.52
CA ASP A 256 11.50 19.47 -8.78
C ASP A 256 10.37 18.55 -9.22
N LEU A 257 9.86 17.74 -8.31
CA LEU A 257 8.93 16.69 -8.64
C LEU A 257 7.65 17.26 -9.26
N ALA A 258 7.27 18.41 -8.79
CA ALA A 258 6.02 19.06 -9.18
C ALA A 258 6.08 19.49 -10.64
N SER A 259 7.15 20.19 -11.02
CA SER A 259 7.25 20.81 -12.33
C SER A 259 8.01 19.95 -13.34
N GLY A 260 8.83 19.04 -12.82
CA GLY A 260 9.70 18.22 -13.64
C GLY A 260 10.97 18.93 -14.05
N GLN A 261 11.14 20.18 -13.60
N GLN A 261 11.16 20.17 -13.60
CA GLN A 261 12.32 20.97 -13.94
CA GLN A 261 12.31 20.95 -14.00
C GLN A 261 13.58 20.37 -13.32
C GLN A 261 13.59 20.46 -13.33
N ILE A 262 14.59 20.16 -14.14
CA ILE A 262 15.86 19.61 -13.66
C ILE A 262 16.91 20.71 -13.58
N SER A 263 17.56 20.84 -12.44
CA SER A 263 18.63 21.81 -12.29
C SER A 263 19.93 21.19 -11.83
N GLN A 264 21.03 21.71 -12.35
CA GLN A 264 22.35 21.19 -12.04
C GLN A 264 22.89 21.72 -10.72
N VAL A 265 23.36 20.82 -9.87
CA VAL A 265 23.88 21.16 -8.55
C VAL A 265 25.38 21.20 -8.35
N THR A 266 26.12 20.38 -9.09
CA THR A 266 27.57 20.44 -9.05
C THR A 266 28.00 20.58 -10.49
N ASP A 267 29.11 21.27 -10.69
CA ASP A 267 29.61 21.54 -12.03
C ASP A 267 31.10 21.25 -12.20
N GLY A 268 31.65 20.33 -11.42
CA GLY A 268 33.04 19.93 -11.50
C GLY A 268 33.40 19.10 -12.72
N ARG A 269 34.65 19.07 -13.15
N ARG A 269 34.66 19.07 -13.16
CA ARG A 269 35.05 18.22 -14.27
CA ARG A 269 35.07 18.23 -14.27
C ARG A 269 35.34 16.81 -13.78
C ARG A 269 35.29 16.80 -13.78
N SER A 270 35.30 16.64 -12.46
CA SER A 270 35.42 15.34 -11.84
C SER A 270 34.09 14.60 -11.89
N ASN A 271 34.07 13.36 -11.39
CA ASN A 271 32.81 12.65 -11.29
C ASN A 271 32.24 12.77 -9.90
N ASN A 272 30.98 13.17 -9.85
CA ASN A 272 30.31 13.51 -8.62
C ASN A 272 28.98 12.79 -8.61
N THR A 273 28.78 11.90 -7.65
CA THR A 273 27.62 11.01 -7.71
C THR A 273 27.18 10.55 -6.31
N GLU A 274 26.20 9.65 -6.27
CA GLU A 274 25.76 9.01 -5.03
C GLU A 274 25.27 10.02 -3.98
N PRO A 275 24.30 10.86 -4.36
CA PRO A 275 23.84 11.87 -3.39
C PRO A 275 23.01 11.28 -2.26
N SER A 276 23.12 11.90 -1.11
CA SER A 276 22.27 11.60 0.03
C SER A 276 21.92 12.91 0.73
N TRP A 277 20.68 13.04 1.16
CA TRP A 277 20.24 14.31 1.72
C TRP A 277 20.47 14.49 3.21
N PHE A 278 20.84 15.70 3.61
CA PHE A 278 20.75 16.11 5.01
C PHE A 278 19.28 16.40 5.33
N PRO A 279 18.94 16.48 6.61
CA PRO A 279 17.55 16.55 7.03
C PRO A 279 16.82 17.79 6.55
N ASP A 280 17.57 18.82 6.19
CA ASP A 280 17.00 20.11 5.83
C ASP A 280 16.50 20.18 4.38
N SER A 281 16.79 19.15 3.61
CA SER A 281 16.41 19.09 2.23
C SER A 281 17.08 20.21 1.44
N GLN A 282 18.21 20.70 1.93
CA GLN A 282 18.96 21.72 1.20
C GLN A 282 20.41 21.33 0.91
N ASN A 283 20.92 20.40 1.68
CA ASN A 283 22.30 19.99 1.55
C ASN A 283 22.40 18.52 1.19
N LEU A 284 23.40 18.21 0.36
CA LEU A 284 23.65 16.86 -0.07
C LEU A 284 25.04 16.43 0.33
N ALA A 285 25.18 15.20 0.81
CA ALA A 285 26.47 14.53 0.84
C ALA A 285 26.59 13.72 -0.45
N TYR A 286 27.79 13.57 -0.98
CA TYR A 286 27.94 12.87 -2.25
C TYR A 286 29.37 12.40 -2.44
N THR A 287 29.59 11.57 -3.43
CA THR A 287 30.92 11.01 -3.67
C THR A 287 31.59 11.74 -4.83
N SER A 288 32.82 12.16 -4.65
CA SER A 288 33.55 12.81 -5.73
C SER A 288 34.93 12.22 -5.89
N ASP A 289 35.40 12.14 -7.13
CA ASP A 289 36.71 11.58 -7.39
C ASP A 289 37.71 12.67 -7.75
N GLN A 290 37.38 13.90 -7.42
CA GLN A 290 38.22 15.02 -7.77
C GLN A 290 39.63 14.88 -7.20
N GLY A 291 39.77 14.21 -6.08
CA GLY A 291 41.09 14.09 -5.47
C GLY A 291 41.85 12.85 -5.91
N GLY A 292 41.31 12.12 -6.86
CA GLY A 292 41.83 10.83 -7.23
C GLY A 292 40.87 9.75 -6.83
N ARG A 293 41.12 9.13 -5.71
CA ARG A 293 40.20 8.15 -5.14
C ARG A 293 38.94 8.81 -4.60
N PRO A 294 37.80 8.09 -4.64
CA PRO A 294 36.55 8.64 -4.12
C PRO A 294 36.65 9.13 -2.67
N GLN A 295 36.08 10.29 -2.42
CA GLN A 295 35.89 10.82 -1.09
C GLN A 295 34.51 11.46 -1.02
N VAL A 296 34.01 11.68 0.19
CA VAL A 296 32.68 12.25 0.37
C VAL A 296 32.73 13.74 0.63
N TYR A 297 31.86 14.48 -0.05
CA TYR A 297 31.77 15.92 -0.01
C TYR A 297 30.35 16.36 0.36
N LYS A 298 30.21 17.62 0.72
CA LYS A 298 28.91 18.22 1.02
C LYS A 298 28.71 19.46 0.15
N VAL A 299 27.54 19.58 -0.45
CA VAL A 299 27.20 20.81 -1.12
C VAL A 299 25.75 21.24 -0.85
N ASN A 300 25.53 22.54 -0.83
CA ASN A 300 24.18 23.10 -0.70
C ASN A 300 23.61 23.28 -2.10
N ILE A 301 22.34 22.89 -2.28
CA ILE A 301 21.76 22.91 -3.62
C ILE A 301 21.49 24.32 -4.09
N ASN A 302 21.51 25.28 -3.16
CA ASN A 302 21.20 26.67 -3.49
C ASN A 302 22.43 27.45 -3.92
N GLY A 303 23.60 26.85 -3.77
CA GLY A 303 24.84 27.45 -4.21
C GLY A 303 25.96 27.24 -3.20
N GLY A 304 27.17 27.69 -3.56
CA GLY A 304 28.31 27.57 -2.66
C GLY A 304 29.31 26.52 -3.10
N VAL A 305 30.55 26.68 -2.67
CA VAL A 305 31.62 25.77 -3.02
C VAL A 305 31.47 24.47 -2.24
N PRO A 306 31.60 23.31 -2.93
CA PRO A 306 31.56 22.04 -2.20
C PRO A 306 32.65 21.97 -1.14
N GLN A 307 32.38 21.24 -0.06
CA GLN A 307 33.37 21.07 1.00
C GLN A 307 33.63 19.58 1.21
N ARG A 308 34.88 19.18 1.28
CA ARG A 308 35.21 17.79 1.56
C ARG A 308 34.87 17.42 3.00
N ILE A 309 34.20 16.29 3.21
CA ILE A 309 33.86 15.81 4.55
C ILE A 309 34.82 14.75 5.07
N THR A 310 35.11 13.75 4.24
CA THR A 310 35.96 12.65 4.69
C THR A 310 37.44 12.87 4.35
N TRP A 311 38.20 13.17 5.39
CA TRP A 311 39.63 13.42 5.26
C TRP A 311 40.47 12.25 5.77
N GLU A 312 39.81 11.29 6.40
CA GLU A 312 40.48 10.10 6.94
C GLU A 312 40.16 8.83 6.16
N GLY A 313 41.20 8.11 5.74
CA GLY A 313 41.04 6.91 4.94
C GLY A 313 41.36 7.15 3.46
N SER A 314 41.89 6.13 2.78
CA SER A 314 42.30 6.27 1.39
C SER A 314 41.11 6.41 0.42
N GLN A 315 39.95 5.92 0.84
CA GLN A 315 38.76 5.93 -0.01
C GLN A 315 37.45 5.80 0.78
N ASN A 316 36.48 6.63 0.43
CA ASN A 316 35.19 6.78 1.13
C ASN A 316 34.09 7.08 0.12
N GLN A 317 32.99 6.33 0.17
CA GLN A 317 31.96 6.49 -0.84
C GLN A 317 30.63 5.92 -0.38
N ASN A 318 29.58 6.11 -1.19
CA ASN A 318 28.25 5.59 -0.88
C ASN A 318 27.76 6.00 0.49
N ALA A 319 27.84 7.29 0.77
CA ALA A 319 27.47 7.78 2.09
C ALA A 319 25.95 7.86 2.24
N ASP A 320 25.45 7.54 3.42
CA ASP A 320 24.06 7.80 3.79
C ASP A 320 24.08 8.73 5.00
N VAL A 321 23.41 9.87 4.91
CA VAL A 321 23.36 10.81 6.03
C VAL A 321 22.30 10.34 7.03
N SER A 322 22.63 10.37 8.31
CA SER A 322 21.68 9.94 9.34
C SER A 322 20.45 10.84 9.33
N PRO A 323 19.31 10.32 9.77
CA PRO A 323 18.09 11.12 9.92
C PRO A 323 18.27 12.41 10.72
N ASP A 324 19.17 12.44 11.70
CA ASP A 324 19.33 13.66 12.51
C ASP A 324 20.43 14.55 11.94
N GLY A 325 21.12 14.04 10.91
CA GLY A 325 22.12 14.79 10.19
C GLY A 325 23.45 14.88 10.91
N LYS A 326 23.61 14.11 11.98
CA LYS A 326 24.82 14.25 12.77
C LYS A 326 25.94 13.28 12.36
N PHE A 327 25.63 12.25 11.61
CA PHE A 327 26.68 11.32 11.18
C PHE A 327 26.41 10.73 9.81
N LEU A 328 27.47 10.15 9.24
CA LEU A 328 27.39 9.45 7.96
C LEU A 328 27.59 7.97 8.23
N VAL A 329 26.92 7.13 7.46
CA VAL A 329 27.35 5.74 7.36
C VAL A 329 27.76 5.52 5.90
N LEU A 330 28.92 4.92 5.71
CA LEU A 330 29.48 4.85 4.39
C LEU A 330 30.34 3.62 4.19
N VAL A 331 30.88 3.49 2.99
CA VAL A 331 31.80 2.41 2.67
C VAL A 331 33.23 2.96 2.64
N SER A 332 34.07 2.49 3.56
CA SER A 332 35.49 2.84 3.60
C SER A 332 36.38 1.72 3.14
N SER A 333 37.35 2.07 2.31
CA SER A 333 38.28 1.11 1.75
C SER A 333 39.62 1.76 1.45
N ALA A 337 39.01 -5.33 2.95
CA ALA A 337 39.51 -4.14 2.31
C ALA A 337 38.45 -3.04 2.27
N GLN A 338 37.18 -3.41 2.13
CA GLN A 338 36.10 -2.42 2.22
C GLN A 338 35.04 -2.79 3.25
N HIS A 339 34.78 -1.85 4.14
CA HIS A 339 33.84 -2.08 5.24
C HIS A 339 32.90 -0.91 5.44
N ILE A 340 31.81 -1.18 6.15
CA ILE A 340 30.89 -0.14 6.56
C ILE A 340 31.51 0.62 7.73
N ALA A 341 31.45 1.95 7.67
CA ALA A 341 32.01 2.78 8.74
C ALA A 341 31.07 3.93 9.05
N LYS A 342 31.09 4.37 10.31
CA LYS A 342 30.37 5.55 10.75
C LYS A 342 31.34 6.72 10.92
N GLN A 343 30.96 7.90 10.43
CA GLN A 343 31.72 9.09 10.76
C GLN A 343 30.87 10.19 11.38
N ASP A 344 31.26 10.63 12.57
N ASP A 344 31.27 10.65 12.56
CA ASP A 344 30.58 11.72 13.25
CA ASP A 344 30.57 11.71 13.26
C ASP A 344 31.00 13.03 12.63
C ASP A 344 30.99 13.06 12.70
N LEU A 345 30.04 13.81 12.16
CA LEU A 345 30.35 15.05 11.44
C LEU A 345 30.96 16.14 12.33
N GLU A 346 30.49 16.24 13.57
N GLU A 346 30.51 16.24 13.56
CA GLU A 346 30.97 17.28 14.49
CA GLU A 346 30.98 17.30 14.46
C GLU A 346 32.43 17.10 14.86
C GLU A 346 32.44 17.10 14.87
N THR A 347 32.83 15.84 15.06
CA THR A 347 34.16 15.52 15.59
C THR A 347 35.11 14.91 14.59
N GLY A 348 34.58 14.37 13.50
CA GLY A 348 35.39 13.65 12.54
C GLY A 348 35.70 12.22 13.00
N ALA A 349 35.12 11.82 14.13
CA ALA A 349 35.39 10.49 14.69
C ALA A 349 34.89 9.40 13.75
N VAL A 350 35.77 8.46 13.43
CA VAL A 350 35.43 7.38 12.51
C VAL A 350 35.40 6.06 13.27
N GLN A 351 34.35 5.29 13.05
CA GLN A 351 34.23 3.95 13.63
C GLN A 351 33.91 2.91 12.55
N VAL A 352 34.83 1.98 12.34
CA VAL A 352 34.53 0.87 11.44
C VAL A 352 33.54 -0.06 12.13
N LEU A 353 32.45 -0.39 11.45
CA LEU A 353 31.36 -1.13 12.11
C LEU A 353 31.35 -2.63 11.79
N THR A 354 31.96 -3.02 10.66
CA THR A 354 31.82 -4.39 10.17
C THR A 354 33.16 -5.05 9.80
N ASP A 355 33.17 -6.37 9.74
CA ASP A 355 34.36 -7.09 9.28
C ASP A 355 34.02 -8.09 8.18
N THR A 356 32.81 -7.93 7.62
CA THR A 356 32.36 -8.76 6.51
C THR A 356 33.09 -8.41 5.21
N LEU A 357 32.93 -9.25 4.19
N LEU A 357 32.90 -9.25 4.20
CA LEU A 357 33.72 -9.10 2.98
CA LEU A 357 33.65 -9.14 2.95
C LEU A 357 32.95 -8.36 1.88
C LEU A 357 32.90 -8.31 1.91
N LEU A 358 33.60 -7.38 1.27
CA LEU A 358 33.05 -6.60 0.17
C LEU A 358 31.70 -5.95 0.53
N ASP A 359 31.73 -5.25 1.64
CA ASP A 359 30.56 -4.50 2.11
C ASP A 359 30.13 -3.42 1.14
N GLU A 360 28.83 -3.33 0.89
CA GLU A 360 28.33 -2.36 -0.08
C GLU A 360 27.03 -1.68 0.34
N THR A 361 26.85 -0.45 -0.11
CA THR A 361 25.58 0.25 -0.08
C THR A 361 24.77 0.27 1.22
N PRO A 362 25.32 0.81 2.28
CA PRO A 362 24.58 0.90 3.55
C PRO A 362 23.37 1.83 3.50
N SER A 363 22.33 1.48 4.24
CA SER A 363 21.10 2.28 4.34
C SER A 363 20.66 2.31 5.80
N ILE A 364 20.44 3.52 6.32
CA ILE A 364 20.15 3.68 7.76
C ILE A 364 18.65 3.63 8.01
N ALA A 365 18.24 2.91 9.05
CA ALA A 365 16.85 2.88 9.49
C ALA A 365 16.39 4.29 9.87
N PRO A 366 15.09 4.55 9.78
CA PRO A 366 14.67 5.94 10.00
C PRO A 366 14.84 6.47 11.44
N ASN A 367 15.12 5.62 12.43
CA ASN A 367 15.41 6.14 13.78
C ASN A 367 16.91 6.20 14.05
N GLY A 368 17.70 5.95 13.01
CA GLY A 368 19.14 6.08 13.07
C GLY A 368 19.89 5.06 13.93
N THR A 369 19.24 3.95 14.27
CA THR A 369 19.85 3.02 15.23
C THR A 369 20.48 1.82 14.56
N VAL A 371 21.70 -0.23 10.59
CA VAL A 371 22.13 -0.15 9.20
C VAL A 371 21.88 -1.46 8.48
N ILE A 372 21.28 -1.39 7.30
CA ILE A 372 21.21 -2.57 6.43
C ILE A 372 22.20 -2.38 5.28
N TYR A 373 22.93 -3.43 4.91
CA TYR A 373 23.88 -3.33 3.81
C TYR A 373 24.02 -4.70 3.16
N SER A 374 24.80 -4.82 2.09
CA SER A 374 25.03 -6.15 1.53
C SER A 374 26.50 -6.52 1.62
N SER A 375 26.76 -7.82 1.67
N SER A 375 26.77 -7.82 1.67
CA SER A 375 28.12 -8.35 1.70
CA SER A 375 28.14 -8.31 1.66
C SER A 375 28.21 -9.65 0.93
C SER A 375 28.21 -9.65 0.95
N THR A 376 29.43 -10.10 0.70
CA THR A 376 29.65 -11.39 0.07
C THR A 376 29.88 -12.48 1.11
N GLN A 377 29.01 -13.48 1.12
CA GLN A 377 29.20 -14.63 1.99
C GLN A 377 29.35 -15.89 1.15
N GLY A 378 30.60 -16.28 0.92
CA GLY A 378 30.89 -17.42 0.09
C GLY A 378 30.73 -17.07 -1.38
N LEU A 379 29.76 -17.70 -2.03
CA LEU A 379 29.54 -17.49 -3.45
C LEU A 379 28.42 -16.48 -3.72
N GLY A 380 27.91 -15.87 -2.65
CA GLY A 380 26.72 -15.04 -2.79
C GLY A 380 26.65 -13.75 -2.02
N SER A 381 25.89 -12.79 -2.56
CA SER A 381 25.61 -11.52 -1.91
C SER A 381 24.41 -11.69 -0.99
N VAL A 382 24.53 -11.20 0.25
N VAL A 382 24.54 -11.22 0.25
CA VAL A 382 23.54 -11.40 1.30
CA VAL A 382 23.45 -11.34 1.22
C VAL A 382 23.30 -10.12 2.12
C VAL A 382 23.24 -10.04 1.99
N LEU A 383 22.08 -9.88 2.59
CA LEU A 383 21.78 -8.68 3.39
C LEU A 383 22.17 -8.82 4.85
N GLN A 384 22.83 -7.78 5.36
CA GLN A 384 23.44 -7.74 6.67
C GLN A 384 22.84 -6.59 7.50
N LEU A 385 22.73 -6.79 8.80
CA LEU A 385 22.32 -5.71 9.71
C LEU A 385 23.44 -5.40 10.71
N VAL A 386 23.67 -4.13 10.98
CA VAL A 386 24.57 -3.76 12.07
C VAL A 386 24.09 -2.47 12.73
N SER A 387 24.11 -2.46 14.08
CA SER A 387 23.72 -1.27 14.83
C SER A 387 24.71 -0.15 14.57
N THR A 388 24.24 1.09 14.67
CA THR A 388 25.10 2.21 14.38
C THR A 388 26.19 2.39 15.45
N ASP A 389 26.06 1.73 16.61
CA ASP A 389 27.17 1.73 17.57
C ASP A 389 28.06 0.49 17.43
N GLY A 390 27.72 -0.36 16.46
CA GLY A 390 28.52 -1.52 16.13
C GLY A 390 28.40 -2.73 17.05
N ARG A 391 27.57 -2.66 18.08
CA ARG A 391 27.53 -3.76 19.06
C ARG A 391 26.70 -4.95 18.61
N PHE A 392 25.70 -4.69 17.77
CA PHE A 392 24.72 -5.70 17.41
C PHE A 392 24.85 -6.04 15.92
N LYS A 393 24.88 -7.32 15.60
CA LYS A 393 24.98 -7.72 14.20
C LYS A 393 24.05 -8.87 13.90
N ALA A 394 23.42 -8.85 12.73
CA ALA A 394 22.54 -9.93 12.33
C ALA A 394 22.50 -10.07 10.81
N ARG A 395 21.85 -11.13 10.34
N ARG A 395 21.89 -11.16 10.35
CA ARG A 395 21.69 -11.38 8.92
CA ARG A 395 21.68 -11.40 8.93
C ARG A 395 20.23 -11.64 8.61
C ARG A 395 20.18 -11.54 8.67
N LEU A 396 19.72 -11.02 7.55
CA LEU A 396 18.35 -11.25 7.14
C LEU A 396 18.20 -12.67 6.62
N PRO A 397 16.98 -13.14 6.61
CA PRO A 397 16.70 -14.48 6.10
C PRO A 397 17.09 -14.54 4.65
N ALA A 398 17.67 -15.65 4.25
CA ALA A 398 18.17 -15.77 2.91
C ALA A 398 17.03 -15.76 1.92
N THR A 399 17.35 -15.33 0.70
CA THR A 399 16.44 -15.34 -0.41
C THR A 399 16.97 -16.33 -1.42
N ASP A 400 16.16 -16.58 -2.43
CA ASP A 400 16.48 -17.45 -3.53
C ASP A 400 17.29 -16.80 -4.64
N GLY A 401 18.46 -16.29 -4.33
CA GLY A 401 19.32 -15.64 -5.30
C GLY A 401 20.22 -14.57 -4.69
N GLN A 402 21.00 -13.89 -5.50
CA GLN A 402 21.88 -12.83 -5.06
C GLN A 402 21.11 -11.58 -4.71
N VAL A 403 21.40 -11.00 -3.55
CA VAL A 403 20.66 -9.84 -3.11
C VAL A 403 21.57 -8.62 -2.93
N LYS A 404 21.17 -7.50 -3.51
CA LYS A 404 21.96 -6.27 -3.43
C LYS A 404 21.07 -5.05 -3.25
N PHE A 405 21.74 -3.91 -3.07
CA PHE A 405 21.12 -2.57 -2.99
C PHE A 405 19.94 -2.44 -2.03
N PRO A 406 20.12 -2.80 -0.74
CA PRO A 406 19.03 -2.59 0.20
C PRO A 406 18.77 -1.09 0.45
N ALA A 407 17.51 -0.71 0.64
CA ALA A 407 17.17 0.66 1.04
C ALA A 407 16.12 0.58 2.14
N TRP A 408 16.37 1.23 3.28
CA TRP A 408 15.45 1.10 4.41
C TRP A 408 14.34 2.15 4.17
N SER A 409 13.07 1.81 4.38
CA SER A 409 11.98 2.76 4.11
C SER A 409 11.98 3.87 5.16
N PRO A 410 11.24 4.95 4.90
CA PRO A 410 10.94 5.89 5.98
C PRO A 410 9.98 5.28 6.99
N TYR A 411 9.64 6.04 8.04
CA TYR A 411 8.55 5.66 8.91
C TYR A 411 7.29 5.44 8.09
N LEU A 412 6.52 4.42 8.45
CA LEU A 412 5.27 4.09 7.79
C LEU A 412 4.13 4.07 8.80
N VAL B 5 -17.28 -13.18 5.70
CA VAL B 5 -17.08 -12.03 4.84
C VAL B 5 -17.51 -12.38 3.44
N ARG B 6 -18.79 -12.25 3.21
CA ARG B 6 -19.28 -12.63 1.92
C ARG B 6 -20.18 -11.58 1.30
N ILE B 7 -20.25 -11.59 -0.02
CA ILE B 7 -21.18 -10.81 -0.78
C ILE B 7 -22.41 -11.67 -1.01
N GLU B 8 -23.56 -11.15 -0.62
CA GLU B 8 -24.79 -11.89 -0.66
C GLU B 8 -25.52 -11.48 -1.90
N ILE B 9 -25.66 -12.41 -2.83
CA ILE B 9 -26.32 -12.09 -4.07
C ILE B 9 -27.83 -12.16 -3.87
N THR B 10 -28.50 -11.04 -4.13
CA THR B 10 -29.93 -10.95 -3.97
C THR B 10 -30.73 -11.12 -5.24
N GLN B 11 -30.12 -10.79 -6.36
CA GLN B 11 -30.72 -11.07 -7.64
C GLN B 11 -29.66 -11.56 -8.60
N GLY B 12 -29.66 -12.84 -8.85
CA GLY B 12 -28.74 -13.48 -9.75
C GLY B 12 -29.15 -13.29 -11.19
N VAL B 13 -28.25 -13.57 -12.11
CA VAL B 13 -28.60 -13.57 -13.51
C VAL B 13 -28.74 -15.01 -14.02
N ASP B 14 -29.97 -15.42 -14.26
CA ASP B 14 -30.24 -16.82 -14.63
C ASP B 14 -29.50 -17.24 -15.88
N SER B 15 -29.35 -16.30 -16.80
CA SER B 15 -28.73 -16.61 -18.09
C SER B 15 -27.23 -16.31 -18.14
N ALA B 16 -26.60 -16.16 -16.97
CA ALA B 16 -25.15 -15.95 -16.93
C ALA B 16 -24.43 -17.15 -17.51
N ARG B 17 -23.24 -16.91 -18.07
N ARG B 17 -23.23 -16.90 -18.03
CA ARG B 17 -22.47 -17.97 -18.70
CA ARG B 17 -22.40 -17.93 -18.66
C ARG B 17 -21.98 -19.01 -17.71
C ARG B 17 -21.95 -19.02 -17.69
N PRO B 18 -22.36 -20.28 -17.94
CA PRO B 18 -21.83 -21.39 -17.14
C PRO B 18 -20.32 -21.49 -17.31
N ILE B 19 -19.62 -21.77 -16.23
CA ILE B 19 -18.20 -21.98 -16.28
C ILE B 19 -17.82 -22.98 -15.20
N GLY B 20 -16.72 -23.68 -15.40
CA GLY B 20 -16.22 -24.57 -14.36
C GLY B 20 -14.92 -24.06 -13.79
N VAL B 21 -14.91 -23.73 -12.51
CA VAL B 21 -13.68 -23.37 -11.84
C VAL B 21 -13.34 -24.47 -10.88
N VAL B 22 -12.40 -25.31 -11.27
CA VAL B 22 -12.05 -26.49 -10.49
C VAL B 22 -11.22 -26.11 -9.28
N PRO B 23 -11.53 -26.68 -8.11
CA PRO B 23 -10.69 -26.43 -6.95
C PRO B 23 -9.22 -26.64 -7.29
N PHE B 24 -8.35 -25.71 -6.92
CA PHE B 24 -6.96 -25.90 -7.28
C PHE B 24 -6.31 -26.99 -6.42
N LYS B 25 -5.37 -27.69 -7.04
CA LYS B 25 -4.64 -28.79 -6.45
C LYS B 25 -3.63 -28.21 -5.47
N TRP B 26 -3.86 -28.45 -4.18
CA TRP B 26 -2.91 -28.08 -3.12
C TRP B 26 -1.83 -29.12 -2.90
N GLY B 28 0.41 -29.54 -0.47
CA GLY B 28 0.93 -29.70 0.87
C GLY B 28 -0.01 -30.43 1.79
N PRO B 29 0.35 -30.52 3.09
CA PRO B 29 -0.50 -31.14 4.10
C PRO B 29 -1.54 -30.17 4.65
N GLY B 30 -2.53 -30.69 5.37
CA GLY B 30 -3.52 -29.85 6.02
C GLY B 30 -4.27 -28.96 5.04
N THR B 31 -4.63 -27.77 5.50
CA THR B 31 -5.46 -26.86 4.72
C THR B 31 -4.64 -25.69 4.16
N PRO B 32 -4.76 -25.42 2.86
CA PRO B 32 -4.16 -24.25 2.21
C PRO B 32 -4.52 -22.98 2.95
N PRO B 33 -3.67 -21.94 2.86
CA PRO B 33 -4.00 -20.68 3.52
C PRO B 33 -5.23 -20.06 2.89
N GLU B 34 -5.40 -20.27 1.60
CA GLU B 34 -6.57 -19.79 0.87
C GLU B 34 -7.05 -20.90 -0.08
N GLU B 35 -8.31 -20.85 -0.44
CA GLU B 35 -8.85 -21.73 -1.47
C GLU B 35 -8.93 -20.93 -2.77
N ILE B 36 -7.88 -20.98 -3.59
CA ILE B 36 -7.79 -20.08 -4.74
C ILE B 36 -8.99 -20.25 -5.68
N GLY B 37 -9.36 -21.50 -5.94
CA GLY B 37 -10.45 -21.77 -6.87
C GLY B 37 -11.78 -21.26 -6.35
N ALA B 38 -11.97 -21.30 -5.03
CA ALA B 38 -13.19 -20.77 -4.44
C ALA B 38 -13.25 -19.27 -4.67
N ILE B 39 -12.11 -18.58 -4.53
CA ILE B 39 -12.10 -17.12 -4.72
C ILE B 39 -12.37 -16.73 -6.17
N VAL B 40 -11.77 -17.46 -7.09
CA VAL B 40 -11.98 -17.22 -8.52
C VAL B 40 -13.46 -17.42 -8.88
N GLY B 41 -14.04 -18.49 -8.38
CA GLY B 41 -15.45 -18.78 -8.62
C GLY B 41 -16.35 -17.69 -8.05
N ALA B 42 -16.05 -17.25 -6.83
CA ALA B 42 -16.82 -16.18 -6.21
C ALA B 42 -16.69 -14.89 -7.01
N ASP B 43 -15.47 -14.54 -7.41
CA ASP B 43 -15.24 -13.36 -8.25
C ASP B 43 -16.10 -13.41 -9.51
N LEU B 44 -16.03 -14.52 -10.23
CA LEU B 44 -16.72 -14.58 -11.51
C LEU B 44 -18.23 -14.48 -11.33
N ARG B 45 -18.74 -15.10 -10.25
N ARG B 45 -18.76 -15.10 -10.26
CA ARG B 45 -20.16 -15.00 -9.94
CA ARG B 45 -20.18 -14.98 -9.98
C ARG B 45 -20.54 -13.56 -9.56
C ARG B 45 -20.54 -13.54 -9.59
N ASN B 46 -19.65 -12.90 -8.84
CA ASN B 46 -19.90 -11.54 -8.37
C ASN B 46 -19.96 -10.52 -9.49
N SER B 47 -19.34 -10.85 -10.62
CA SER B 47 -19.34 -10.01 -11.79
C SER B 47 -20.70 -9.89 -12.46
N GLY B 48 -21.56 -10.87 -12.19
CA GLY B 48 -22.87 -10.97 -12.79
C GLY B 48 -22.87 -11.59 -14.17
N LYS B 49 -21.69 -11.98 -14.66
N LYS B 49 -21.69 -11.97 -14.64
CA LYS B 49 -21.58 -12.46 -16.02
CA LYS B 49 -21.51 -12.44 -16.01
C LYS B 49 -21.31 -13.95 -16.12
C LYS B 49 -21.42 -13.97 -16.11
N PHE B 50 -21.09 -14.60 -14.98
CA PHE B 50 -20.82 -16.04 -14.97
C PHE B 50 -21.59 -16.80 -13.91
N ASN B 51 -21.85 -18.08 -14.22
CA ASN B 51 -22.49 -19.00 -13.30
C ASN B 51 -21.58 -20.21 -13.10
N PRO B 52 -20.64 -20.13 -12.16
CA PRO B 52 -19.72 -21.25 -11.94
C PRO B 52 -20.45 -22.44 -11.31
N ILE B 53 -20.21 -23.62 -11.87
CA ILE B 53 -20.94 -24.81 -11.44
C ILE B 53 -20.43 -25.31 -10.09
N ASP B 54 -21.31 -25.90 -9.30
CA ASP B 54 -20.92 -26.48 -8.01
C ASP B 54 -19.90 -27.60 -8.20
N ALA B 55 -18.82 -27.57 -7.41
CA ALA B 55 -17.76 -28.56 -7.54
C ALA B 55 -18.32 -29.98 -7.43
N ALA B 56 -19.37 -30.15 -6.63
CA ALA B 56 -20.00 -31.46 -6.44
C ALA B 56 -20.61 -32.01 -7.72
N ARG B 57 -20.87 -31.13 -8.69
CA ARG B 57 -21.52 -31.54 -9.93
C ARG B 57 -20.58 -31.61 -11.14
N PRO B 59 -17.81 -33.21 -13.64
CA PRO B 59 -17.56 -34.57 -14.16
C PRO B 59 -16.18 -35.09 -13.78
N GLN B 60 -15.28 -34.17 -13.44
CA GLN B 60 -13.91 -34.47 -13.06
C GLN B 60 -13.29 -33.26 -12.41
N GLN B 61 -12.15 -33.43 -11.75
CA GLN B 61 -11.44 -32.26 -11.25
C GLN B 61 -10.00 -32.23 -11.74
N PRO B 62 -9.82 -31.90 -13.02
CA PRO B 62 -8.49 -31.86 -13.63
C PRO B 62 -7.66 -30.71 -13.06
N SER B 63 -6.34 -30.86 -13.07
CA SER B 63 -5.46 -29.80 -12.60
C SER B 63 -4.64 -29.19 -13.73
N THR B 64 -4.71 -29.79 -14.92
N THR B 64 -4.71 -29.82 -14.90
CA THR B 64 -3.95 -29.30 -16.06
CA THR B 64 -3.98 -29.35 -16.08
C THR B 64 -4.68 -29.64 -17.37
C THR B 64 -4.82 -29.51 -17.34
N ALA B 65 -4.40 -28.87 -18.42
CA ALA B 65 -5.11 -28.99 -19.70
C ALA B 65 -5.13 -30.42 -20.25
N ALA B 66 -4.02 -31.14 -20.10
CA ALA B 66 -3.93 -32.52 -20.58
C ALA B 66 -4.96 -33.44 -19.91
N GLU B 67 -5.36 -33.10 -18.69
CA GLU B 67 -6.31 -33.93 -17.94
C GLU B 67 -7.77 -33.61 -18.25
N VAL B 68 -8.00 -32.46 -18.88
CA VAL B 68 -9.35 -32.03 -19.19
C VAL B 68 -9.96 -32.94 -20.27
N THR B 69 -11.19 -33.38 -20.00
CA THR B 69 -11.97 -34.14 -20.97
C THR B 69 -13.11 -33.25 -21.47
N PRO B 70 -12.90 -32.60 -22.63
CA PRO B 70 -13.79 -31.52 -23.06
C PRO B 70 -15.26 -31.92 -23.22
N ALA B 71 -15.53 -33.13 -23.71
CA ALA B 71 -16.89 -33.53 -24.01
C ALA B 71 -17.77 -33.54 -22.76
N ALA B 72 -17.19 -33.90 -21.63
CA ALA B 72 -17.94 -34.02 -20.39
C ALA B 72 -18.40 -32.65 -19.93
N TRP B 73 -17.59 -31.64 -20.19
CA TRP B 73 -17.91 -30.28 -19.79
C TRP B 73 -18.91 -29.64 -20.76
N THR B 74 -18.74 -29.81 -22.07
N THR B 74 -18.68 -29.84 -22.05
CA THR B 74 -19.67 -29.18 -22.99
CA THR B 74 -19.54 -29.30 -23.08
C THR B 74 -21.03 -29.84 -22.95
C THR B 74 -20.96 -29.84 -22.92
N ALA B 75 -21.06 -31.08 -22.46
CA ALA B 75 -22.35 -31.74 -22.26
C ALA B 75 -23.13 -31.08 -21.12
N LEU B 76 -22.43 -30.31 -20.28
CA LEU B 76 -23.07 -29.58 -19.19
C LEU B 76 -23.26 -28.11 -19.55
N GLY B 77 -23.00 -27.77 -20.82
CA GLY B 77 -23.14 -26.40 -21.27
C GLY B 77 -21.99 -25.48 -20.91
N ILE B 78 -20.85 -26.05 -20.57
CA ILE B 78 -19.68 -25.31 -20.11
C ILE B 78 -18.58 -25.30 -21.16
N ASP B 79 -18.22 -24.11 -21.66
CA ASP B 79 -17.24 -24.08 -22.75
C ASP B 79 -15.84 -23.64 -22.30
N ALA B 80 -15.67 -23.43 -21.00
CA ALA B 80 -14.35 -23.11 -20.47
C ALA B 80 -14.21 -23.59 -19.04
N VAL B 81 -13.01 -24.06 -18.69
N VAL B 81 -13.03 -24.10 -18.70
CA VAL B 81 -12.72 -24.59 -17.36
CA VAL B 81 -12.76 -24.50 -17.34
C VAL B 81 -11.42 -24.00 -16.81
C VAL B 81 -11.47 -23.84 -16.86
N VAL B 82 -11.46 -23.50 -15.58
CA VAL B 82 -10.27 -22.99 -14.93
C VAL B 82 -9.68 -24.13 -14.11
N VAL B 83 -8.41 -24.47 -14.33
CA VAL B 83 -7.73 -25.45 -13.51
C VAL B 83 -6.48 -24.81 -12.90
N GLY B 84 -5.98 -25.38 -11.81
CA GLY B 84 -4.84 -24.76 -11.18
C GLY B 84 -4.19 -25.55 -10.08
N GLN B 85 -3.07 -25.02 -9.57
N GLN B 85 -3.05 -25.03 -9.60
CA GLN B 85 -2.30 -25.69 -8.54
CA GLN B 85 -2.30 -25.67 -8.53
C GLN B 85 -1.68 -24.66 -7.59
C GLN B 85 -1.74 -24.63 -7.57
N VAL B 86 -1.50 -25.04 -6.33
CA VAL B 86 -0.82 -24.17 -5.37
C VAL B 86 0.30 -25.00 -4.76
N GLN B 87 1.53 -24.61 -5.05
CA GLN B 87 2.73 -25.30 -4.62
C GLN B 87 3.45 -24.51 -3.54
N PRO B 88 3.51 -25.05 -2.33
CA PRO B 88 4.25 -24.37 -1.28
C PRO B 88 5.73 -24.49 -1.56
N SER B 89 6.48 -23.42 -1.36
CA SER B 89 7.92 -23.45 -1.51
C SER B 89 8.60 -23.66 -0.16
N ALA B 90 9.82 -24.15 -0.19
CA ALA B 90 10.56 -24.36 1.04
C ALA B 90 10.70 -23.02 1.74
N ASP B 91 10.83 -21.98 0.94
CA ASP B 91 11.11 -20.61 1.29
C ASP B 91 9.96 -20.07 2.14
N GLY B 92 8.88 -20.82 2.19
CA GLY B 92 7.69 -20.44 2.91
C GLY B 92 6.71 -19.66 2.03
N SER B 93 7.08 -19.45 0.79
CA SER B 93 6.23 -18.82 -0.22
C SER B 93 5.45 -19.85 -1.04
N TYR B 94 4.64 -19.35 -1.97
CA TYR B 94 3.81 -20.23 -2.80
C TYR B 94 3.91 -19.91 -4.26
N VAL B 95 3.74 -20.93 -5.09
CA VAL B 95 3.56 -20.69 -6.49
C VAL B 95 2.14 -21.09 -6.85
N VAL B 96 1.40 -20.11 -7.34
CA VAL B 96 0.03 -20.32 -7.77
C VAL B 96 -0.01 -20.34 -9.29
N SER B 97 -0.48 -21.45 -9.85
N SER B 97 -0.46 -21.44 -9.87
CA SER B 97 -0.54 -21.63 -11.30
CA SER B 97 -0.53 -21.53 -11.33
C SER B 97 -1.98 -21.86 -11.74
C SER B 97 -1.96 -21.84 -11.75
N TYR B 98 -2.35 -21.37 -12.93
CA TYR B 98 -3.68 -21.69 -13.44
C TYR B 98 -3.60 -21.86 -14.95
N GLN B 99 -4.62 -22.52 -15.50
CA GLN B 99 -4.82 -22.57 -16.94
C GLN B 99 -6.31 -22.41 -17.20
N LEU B 100 -6.65 -21.58 -18.18
CA LEU B 100 -8.02 -21.43 -18.67
C LEU B 100 -8.16 -22.28 -19.91
N VAL B 101 -9.04 -23.28 -19.88
CA VAL B 101 -9.04 -24.31 -20.90
C VAL B 101 -10.37 -24.32 -21.64
N ASP B 102 -10.29 -24.13 -22.95
CA ASP B 102 -11.45 -24.19 -23.82
C ASP B 102 -11.88 -25.62 -24.04
N THR B 103 -13.19 -25.87 -23.95
CA THR B 103 -13.73 -27.22 -24.03
C THR B 103 -14.51 -27.50 -25.34
N SER B 104 -14.39 -26.60 -26.30
CA SER B 104 -15.09 -26.65 -27.59
C SER B 104 -14.58 -27.65 -28.61
N GLY B 105 -13.40 -28.21 -28.37
CA GLY B 105 -12.76 -29.09 -29.31
C GLY B 105 -12.63 -30.52 -28.79
N SER B 106 -12.01 -31.40 -29.54
CA SER B 106 -11.78 -32.76 -29.07
C SER B 106 -10.87 -32.85 -27.84
N ALA B 107 -9.85 -32.00 -27.81
CA ALA B 107 -8.91 -31.93 -26.69
C ALA B 107 -8.97 -30.53 -26.09
N GLY B 108 -8.55 -30.39 -24.84
CA GLY B 108 -8.54 -29.08 -24.22
C GLY B 108 -7.58 -28.17 -24.98
N SER B 109 -7.90 -26.89 -25.01
N SER B 109 -7.90 -26.88 -25.02
CA SER B 109 -7.03 -25.88 -25.60
CA SER B 109 -6.99 -25.90 -25.59
C SER B 109 -6.88 -24.75 -24.60
C SER B 109 -6.88 -24.73 -24.65
N ILE B 110 -5.66 -24.24 -24.45
CA ILE B 110 -5.45 -23.18 -23.47
C ILE B 110 -5.71 -21.81 -24.06
N LEU B 111 -6.59 -21.05 -23.39
CA LEU B 111 -6.91 -19.68 -23.78
C LEU B 111 -6.02 -18.69 -23.07
N ALA B 112 -5.65 -19.04 -21.84
CA ALA B 112 -4.76 -18.21 -21.04
C ALA B 112 -4.19 -19.06 -19.92
N GLN B 113 -3.00 -18.69 -19.45
CA GLN B 113 -2.39 -19.31 -18.27
C GLN B 113 -1.31 -18.44 -17.68
N ASN B 114 -1.00 -18.68 -16.41
CA ASN B 114 0.06 -17.89 -15.80
C ASN B 114 0.45 -18.54 -14.48
N GLN B 115 1.56 -18.07 -13.88
CA GLN B 115 2.03 -18.59 -12.59
C GLN B 115 2.50 -17.39 -11.77
N TYR B 116 2.21 -17.40 -10.47
CA TYR B 116 2.51 -16.24 -9.62
C TYR B 116 3.28 -16.78 -8.44
N LYS B 117 4.38 -16.14 -8.05
CA LYS B 117 4.96 -16.57 -6.79
C LYS B 117 4.72 -15.47 -5.80
N VAL B 118 3.99 -15.83 -4.76
CA VAL B 118 3.55 -14.87 -3.77
C VAL B 118 3.80 -15.39 -2.36
N THR B 119 3.86 -14.47 -1.40
CA THR B 119 3.85 -14.85 0.02
C THR B 119 2.41 -14.82 0.50
N LYS B 120 2.20 -15.32 1.72
CA LYS B 120 0.88 -15.66 2.22
C LYS B 120 -0.17 -14.54 2.15
N GLN B 121 0.19 -13.32 2.54
N GLN B 121 0.27 -13.33 2.49
CA GLN B 121 -0.83 -12.28 2.61
CA GLN B 121 -0.58 -12.14 2.52
C GLN B 121 -1.21 -11.77 1.22
C GLN B 121 -1.35 -11.93 1.23
N TRP B 122 -0.60 -12.35 0.19
N TRP B 122 -0.68 -12.14 0.11
CA TRP B 122 -0.90 -11.94 -1.17
CA TRP B 122 -1.28 -11.82 -1.17
C TRP B 122 -1.57 -13.08 -1.97
C TRP B 122 -1.65 -13.05 -1.98
N LEU B 123 -1.98 -14.13 -1.29
CA LEU B 123 -2.67 -15.25 -1.95
C LEU B 123 -4.05 -14.84 -2.51
N ARG B 124 -4.85 -14.09 -1.75
CA ARG B 124 -6.12 -13.63 -2.31
C ARG B 124 -5.86 -12.74 -3.52
N TYR B 125 -4.80 -11.93 -3.42
CA TYR B 125 -4.45 -11.01 -4.51
C TYR B 125 -4.14 -11.83 -5.77
N SER B 126 -3.40 -12.92 -5.60
CA SER B 126 -3.07 -13.77 -6.75
C SER B 126 -4.35 -14.38 -7.32
N ALA B 127 -5.27 -14.80 -6.45
CA ALA B 127 -6.55 -15.35 -6.93
C ALA B 127 -7.33 -14.33 -7.75
N HIS B 128 -7.40 -13.10 -7.25
CA HIS B 128 -8.06 -12.04 -8.00
C HIS B 128 -7.37 -11.74 -9.33
N THR B 129 -6.06 -11.97 -9.40
CA THR B 129 -5.32 -11.80 -10.65
C THR B 129 -5.74 -12.86 -11.66
N VAL B 130 -5.91 -14.09 -11.18
CA VAL B 130 -6.44 -15.16 -12.01
C VAL B 130 -7.81 -14.78 -12.56
N SER B 131 -8.67 -14.32 -11.67
CA SER B 131 -10.03 -13.93 -12.02
C SER B 131 -10.01 -12.83 -13.07
N ASP B 132 -9.12 -11.85 -12.89
CA ASP B 132 -8.97 -10.77 -13.85
C ASP B 132 -8.56 -11.27 -15.23
N GLU B 133 -7.57 -12.16 -15.31
CA GLU B 133 -7.12 -12.62 -16.61
C GLU B 133 -8.19 -13.44 -17.31
N VAL B 134 -8.87 -14.28 -16.54
CA VAL B 134 -9.91 -15.14 -17.07
C VAL B 134 -11.09 -14.31 -17.56
N PHE B 135 -11.50 -13.36 -16.73
CA PHE B 135 -12.63 -12.50 -17.01
C PHE B 135 -12.40 -11.72 -18.31
N GLU B 136 -11.22 -11.11 -18.44
CA GLU B 136 -10.94 -10.30 -19.63
C GLU B 136 -10.79 -11.17 -20.88
N LYS B 137 -10.23 -12.37 -20.75
CA LYS B 137 -10.07 -13.23 -21.93
C LYS B 137 -11.45 -13.64 -22.44
N LEU B 138 -12.36 -13.95 -21.52
CA LEU B 138 -13.65 -14.47 -21.94
C LEU B 138 -14.67 -13.39 -22.31
N THR B 139 -14.54 -12.19 -21.73
CA THR B 139 -15.57 -11.17 -21.95
C THR B 139 -15.08 -9.99 -22.80
N GLY B 140 -13.76 -9.83 -22.86
CA GLY B 140 -13.17 -8.66 -23.51
C GLY B 140 -13.19 -7.42 -22.63
N ILE B 141 -13.72 -7.56 -21.43
CA ILE B 141 -13.82 -6.44 -20.48
C ILE B 141 -12.74 -6.58 -19.41
N LYS B 142 -12.02 -5.51 -19.12
CA LYS B 142 -10.95 -5.61 -18.12
C LYS B 142 -11.53 -5.91 -16.73
N GLY B 143 -10.87 -6.80 -15.99
CA GLY B 143 -11.40 -7.19 -14.69
C GLY B 143 -11.09 -6.21 -13.56
N ALA B 144 -12.00 -6.14 -12.59
CA ALA B 144 -11.83 -5.22 -11.47
C ALA B 144 -11.75 -5.98 -10.16
N PHE B 145 -11.25 -7.22 -10.19
CA PHE B 145 -11.33 -8.00 -8.97
C PHE B 145 -10.22 -7.69 -7.97
N ARG B 146 -9.21 -6.95 -8.43
N ARG B 146 -9.20 -6.96 -8.42
CA ARG B 146 -8.12 -6.54 -7.55
CA ARG B 146 -8.11 -6.55 -7.54
C ARG B 146 -8.32 -5.12 -7.04
C ARG B 146 -8.36 -5.18 -6.93
N THR B 147 -9.54 -4.62 -7.18
CA THR B 147 -9.86 -3.28 -6.70
C THR B 147 -10.27 -3.25 -5.24
N ARG B 148 -10.33 -2.03 -4.73
CA ARG B 148 -10.71 -1.76 -3.35
C ARG B 148 -11.92 -0.83 -3.32
N ILE B 149 -12.57 -0.76 -2.16
CA ILE B 149 -13.59 0.24 -1.88
C ILE B 149 -13.24 0.99 -0.61
N ALA B 150 -13.62 2.27 -0.56
CA ALA B 150 -13.53 3.04 0.68
C ALA B 150 -14.93 3.41 1.10
N TYR B 151 -15.13 3.60 2.41
CA TYR B 151 -16.44 3.90 2.95
C TYR B 151 -16.32 4.39 4.37
N VAL B 152 -17.39 4.98 4.89
CA VAL B 152 -17.38 5.52 6.22
C VAL B 152 -18.36 4.77 7.11
N VAL B 153 -17.91 4.40 8.31
CA VAL B 153 -18.75 3.67 9.25
C VAL B 153 -18.91 4.49 10.51
N LYS B 154 -20.13 4.63 10.99
CA LYS B 154 -20.32 5.20 12.29
C LYS B 154 -20.75 4.08 13.22
N THR B 155 -19.94 3.86 14.26
CA THR B 155 -20.20 2.81 15.21
C THR B 155 -21.04 3.33 16.36
N ASN B 156 -21.66 2.40 17.08
CA ASN B 156 -22.61 2.66 18.15
C ASN B 156 -22.09 3.65 19.17
N GLY B 157 -20.90 3.32 19.63
CA GLY B 157 -20.26 4.05 20.69
C GLY B 157 -18.76 4.11 20.48
N GLY B 158 -18.08 4.62 21.49
CA GLY B 158 -16.63 4.67 21.51
C GLY B 158 -16.14 6.09 21.42
N LYS B 159 -14.89 6.31 21.73
CA LYS B 159 -14.29 7.63 21.62
C LYS B 159 -14.25 8.11 20.16
N PHE B 160 -13.99 7.19 19.24
CA PHE B 160 -13.89 7.54 17.83
C PHE B 160 -14.90 6.76 17.01
N PRO B 161 -16.15 7.21 17.04
CA PRO B 161 -17.24 6.48 16.40
C PRO B 161 -17.21 6.54 14.87
N HIS B 162 -16.52 7.51 14.30
CA HIS B 162 -16.51 7.68 12.84
C HIS B 162 -15.21 7.15 12.26
N GLU B 163 -15.32 6.21 11.32
CA GLU B 163 -14.12 5.66 10.69
C GLU B 163 -14.23 5.66 9.19
N LEU B 164 -13.18 6.16 8.55
CA LEU B 164 -12.96 5.94 7.14
C LEU B 164 -12.21 4.62 7.00
N ARG B 165 -12.81 3.70 6.26
CA ARG B 165 -12.24 2.35 6.10
C ARG B 165 -12.03 2.05 4.63
N VAL B 166 -11.12 1.11 4.36
CA VAL B 166 -10.89 0.57 3.01
C VAL B 166 -10.96 -0.93 3.10
N SER B 167 -11.46 -1.58 2.06
CA SER B 167 -11.38 -3.05 1.97
C SER B 167 -11.21 -3.44 0.53
N ASP B 168 -10.97 -4.73 0.29
CA ASP B 168 -11.03 -5.26 -1.07
C ASP B 168 -12.48 -5.13 -1.53
N TYR B 169 -12.75 -5.24 -2.84
CA TYR B 169 -14.09 -4.96 -3.33
C TYR B 169 -15.06 -5.98 -2.70
N ASP B 170 -14.57 -7.16 -2.32
CA ASP B 170 -15.43 -8.23 -1.83
C ASP B 170 -15.49 -8.25 -0.31
N GLY B 171 -14.93 -7.22 0.32
CA GLY B 171 -15.04 -7.01 1.75
C GLY B 171 -13.94 -7.60 2.62
N TYR B 172 -13.05 -8.39 2.04
CA TYR B 172 -11.92 -8.89 2.80
C TYR B 172 -10.85 -7.82 3.00
N ASN B 173 -9.95 -8.04 3.94
CA ASN B 173 -8.84 -7.14 4.13
C ASN B 173 -9.21 -5.69 4.49
N GLN B 174 -10.21 -5.56 5.34
N GLN B 174 -10.19 -5.57 5.37
CA GLN B 174 -10.63 -4.25 5.82
CA GLN B 174 -10.65 -4.27 5.89
C GLN B 174 -9.50 -3.62 6.65
C GLN B 174 -9.58 -3.61 6.75
N PHE B 175 -9.36 -2.31 6.59
CA PHE B 175 -8.49 -1.59 7.51
C PHE B 175 -8.98 -0.16 7.69
N VAL B 176 -8.61 0.43 8.82
CA VAL B 176 -9.03 1.78 9.16
C VAL B 176 -8.01 2.79 8.64
N VAL B 177 -8.48 3.70 7.79
CA VAL B 177 -7.64 4.75 7.25
C VAL B 177 -7.54 5.89 8.25
N HIS B 178 -8.68 6.28 8.80
CA HIS B 178 -8.72 7.37 9.75
C HIS B 178 -9.91 7.22 10.68
N ARG B 179 -9.72 7.48 11.97
CA ARG B 179 -10.84 7.47 12.92
C ARG B 179 -11.01 8.86 13.51
N SER B 180 -12.22 9.19 13.92
CA SER B 180 -12.51 10.54 14.36
C SER B 180 -13.66 10.57 15.35
N PRO B 181 -13.60 11.51 16.30
CA PRO B 181 -14.76 11.72 17.17
C PRO B 181 -15.90 12.42 16.42
N GLU B 182 -15.60 12.97 15.24
CA GLU B 182 -16.58 13.74 14.48
C GLU B 182 -16.76 13.19 13.08
N PRO B 183 -17.83 13.58 12.42
CA PRO B 183 -18.19 12.96 11.15
C PRO B 183 -17.15 13.07 10.05
N LEU B 184 -17.11 12.05 9.23
CA LEU B 184 -16.26 11.97 8.05
C LEU B 184 -17.14 11.72 6.84
N SER B 186 -17.57 11.52 2.26
CA SER B 186 -17.25 11.68 0.86
C SER B 186 -15.82 11.35 0.44
N PRO B 187 -15.32 10.17 0.80
CA PRO B 187 -13.97 9.79 0.40
C PRO B 187 -13.87 9.69 -1.13
N ALA B 188 -12.71 10.02 -1.68
CA ALA B 188 -12.47 9.97 -3.11
C ALA B 188 -11.06 9.48 -3.37
N TRP B 189 -10.93 8.49 -4.24
CA TRP B 189 -9.62 7.89 -4.56
C TRP B 189 -8.80 8.69 -5.56
N SER B 190 -7.49 8.82 -5.32
CA SER B 190 -6.59 9.26 -6.38
C SER B 190 -6.54 8.14 -7.43
N PRO B 191 -6.31 8.51 -8.69
CA PRO B 191 -6.42 7.47 -9.73
C PRO B 191 -5.26 6.46 -9.72
N ASP B 192 -4.23 6.67 -8.91
CA ASP B 192 -3.17 5.68 -8.77
C ASP B 192 -3.39 4.81 -7.52
N GLY B 193 -4.45 5.11 -6.78
CA GLY B 193 -4.79 4.32 -5.61
C GLY B 193 -3.94 4.59 -4.38
N SER B 194 -3.12 5.63 -4.41
N SER B 194 -3.12 5.64 -4.42
CA SER B 194 -2.19 5.86 -3.30
CA SER B 194 -2.19 5.92 -3.33
C SER B 194 -2.71 6.87 -2.26
C SER B 194 -2.79 6.79 -2.24
N LYS B 195 -3.77 7.60 -2.59
CA LYS B 195 -4.29 8.62 -1.67
C LYS B 195 -5.81 8.62 -1.65
N ILE B 196 -6.39 9.08 -0.55
CA ILE B 196 -7.82 9.29 -0.48
C ILE B 196 -8.08 10.70 0.07
N ALA B 197 -8.87 11.49 -0.66
CA ALA B 197 -9.33 12.75 -0.15
C ALA B 197 -10.66 12.55 0.57
N TYR B 198 -10.88 13.27 1.67
CA TYR B 198 -12.16 13.20 2.34
C TYR B 198 -12.46 14.49 3.11
N VAL B 199 -13.68 14.58 3.61
CA VAL B 199 -14.09 15.72 4.37
C VAL B 199 -14.25 15.36 5.84
N THR B 200 -13.76 16.24 6.70
CA THR B 200 -13.77 15.96 8.11
C THR B 200 -14.26 17.10 8.98
N PHE B 201 -15.05 16.77 9.99
CA PHE B 201 -15.55 17.74 10.94
C PHE B 201 -14.73 17.82 12.22
N GLU B 202 -13.58 17.16 12.26
CA GLU B 202 -12.85 17.02 13.52
C GLU B 202 -12.38 18.31 14.17
N SER B 203 -11.96 19.28 13.39
CA SER B 203 -11.34 20.46 13.97
C SER B 203 -12.27 21.55 14.44
N GLY B 204 -13.55 21.45 14.17
CA GLY B 204 -14.39 22.63 14.32
C GLY B 204 -14.89 22.94 12.94
N LYS B 205 -14.36 23.98 12.32
CA LYS B 205 -14.57 24.20 10.89
C LYS B 205 -14.30 22.92 10.12
N SER B 206 -15.19 22.60 9.18
N SER B 206 -15.19 22.61 9.19
CA SER B 206 -15.03 21.44 8.32
CA SER B 206 -15.03 21.47 8.30
C SER B 206 -13.81 21.65 7.44
C SER B 206 -13.78 21.65 7.46
N ALA B 207 -13.21 20.55 7.00
CA ALA B 207 -12.00 20.63 6.18
C ALA B 207 -11.95 19.52 5.15
N LEU B 208 -11.38 19.86 4.00
CA LEU B 208 -11.04 18.90 2.97
C LEU B 208 -9.57 18.52 3.10
N VAL B 209 -9.29 17.22 3.21
CA VAL B 209 -7.91 16.77 3.36
C VAL B 209 -7.59 15.64 2.38
N ILE B 210 -6.30 15.47 2.10
CA ILE B 210 -5.82 14.36 1.28
C ILE B 210 -4.90 13.51 2.14
N GLN B 211 -5.25 12.24 2.32
CA GLN B 211 -4.41 11.36 3.13
C GLN B 211 -3.65 10.34 2.29
N THR B 212 -2.36 10.27 2.51
CA THR B 212 -1.50 9.32 1.84
C THR B 212 -1.61 8.01 2.57
N LEU B 213 -2.00 6.94 1.87
CA LEU B 213 -2.30 5.68 2.55
C LEU B 213 -1.04 4.98 3.08
N ALA B 214 0.08 5.13 2.39
CA ALA B 214 1.31 4.44 2.81
C ALA B 214 1.78 4.79 4.21
N ASN B 215 1.64 6.07 4.61
CA ASN B 215 2.17 6.50 5.90
C ASN B 215 1.20 7.34 6.74
N GLY B 216 -0.02 7.50 6.25
CA GLY B 216 -1.04 8.29 6.94
C GLY B 216 -0.90 9.80 6.89
N ALA B 217 0.03 10.32 6.09
CA ALA B 217 0.26 11.76 6.09
C ALA B 217 -0.97 12.52 5.58
N ILE B 218 -1.22 13.70 6.14
CA ILE B 218 -2.38 14.51 5.76
C ILE B 218 -2.01 15.86 5.18
N ARG B 219 -2.56 16.17 4.02
CA ARG B 219 -2.36 17.43 3.36
C ARG B 219 -3.67 18.18 3.50
N GLN B 220 -3.62 19.37 4.05
CA GLN B 220 -4.80 20.19 4.16
C GLN B 220 -5.07 20.79 2.80
N VAL B 221 -6.31 20.77 2.35
CA VAL B 221 -6.67 21.45 1.12
C VAL B 221 -7.43 22.74 1.38
N ALA B 222 -8.46 22.65 2.20
CA ALA B 222 -9.26 23.81 2.55
C ALA B 222 -10.05 23.57 3.84
N SER B 223 -10.47 24.71 4.40
N SER B 223 -10.45 24.73 4.40
CA SER B 223 -11.38 24.73 5.52
CA SER B 223 -11.37 24.70 5.52
C SER B 223 -12.58 25.59 5.16
C SER B 223 -12.56 25.58 5.18
N PHE B 224 -13.74 25.18 5.61
CA PHE B 224 -14.98 25.76 5.13
C PHE B 224 -16.21 25.45 5.99
N PRO B 225 -17.37 26.05 5.65
CA PRO B 225 -18.59 25.70 6.39
C PRO B 225 -19.03 24.26 6.10
N ARG B 226 -20.13 23.84 6.71
CA ARG B 226 -20.53 22.45 6.64
C ARG B 226 -20.83 21.86 5.26
N HIS B 227 -21.41 22.63 4.37
CA HIS B 227 -21.92 22.07 3.13
C HIS B 227 -20.94 22.02 1.99
N ASN B 228 -19.73 22.52 2.23
CA ASN B 228 -18.64 22.49 1.26
C ASN B 228 -18.00 21.11 1.17
N GLY B 229 -17.25 20.84 0.11
CA GLY B 229 -16.63 19.54 0.00
C GLY B 229 -16.76 18.76 -1.29
N ALA B 230 -17.15 17.51 -1.11
CA ALA B 230 -17.41 16.58 -2.23
C ALA B 230 -16.26 16.44 -3.24
N PRO B 231 -15.08 15.97 -2.79
CA PRO B 231 -13.92 15.91 -3.69
C PRO B 231 -14.02 14.85 -4.79
N ALA B 232 -13.29 15.08 -5.88
CA ALA B 232 -13.13 14.11 -6.95
C ALA B 232 -11.82 14.34 -7.67
N PHE B 233 -10.99 13.31 -7.75
CA PHE B 233 -9.72 13.36 -8.48
C PHE B 233 -9.90 13.19 -10.00
N SER B 234 -9.18 13.99 -10.79
CA SER B 234 -9.22 13.84 -12.24
C SER B 234 -8.54 12.51 -12.62
N PRO B 235 -9.05 11.86 -13.68
CA PRO B 235 -8.45 10.58 -14.08
C PRO B 235 -6.97 10.71 -14.48
N ASP B 236 -6.53 11.87 -14.96
CA ASP B 236 -5.14 11.97 -15.44
C ASP B 236 -4.17 12.26 -14.31
N GLY B 237 -4.70 12.36 -13.10
CA GLY B 237 -3.87 12.46 -11.92
C GLY B 237 -3.39 13.86 -11.57
N THR B 238 -3.83 14.86 -12.34
CA THR B 238 -3.25 16.19 -12.17
C THR B 238 -4.06 17.13 -11.26
N LYS B 239 -5.34 16.82 -11.05
CA LYS B 239 -6.26 17.77 -10.44
C LYS B 239 -7.20 17.15 -9.42
N LEU B 240 -7.66 17.98 -8.48
CA LEU B 240 -8.71 17.60 -7.56
C LEU B 240 -9.84 18.62 -7.68
N ALA B 241 -11.07 18.15 -7.92
CA ALA B 241 -12.23 19.03 -7.97
C ALA B 241 -12.98 18.95 -6.66
N PHE B 242 -13.63 20.05 -6.28
CA PHE B 242 -14.40 20.14 -5.03
C PHE B 242 -15.23 21.42 -5.04
N ALA B 243 -16.10 21.56 -4.03
CA ALA B 243 -17.00 22.68 -3.94
C ALA B 243 -16.67 23.55 -2.71
N LEU B 244 -16.64 24.86 -2.91
CA LEU B 244 -16.46 25.83 -1.83
C LEU B 244 -17.56 26.87 -1.90
N SER B 245 -17.93 27.48 -0.77
CA SER B 245 -18.98 28.48 -0.81
C SER B 245 -18.46 29.89 -0.54
N LYS B 246 -17.14 30.06 -0.65
CA LYS B 246 -16.55 31.34 -0.32
C LYS B 246 -17.00 32.47 -1.26
N SER B 247 -17.52 32.12 -2.44
CA SER B 247 -18.01 33.17 -3.35
C SER B 247 -19.39 33.67 -2.90
N GLY B 248 -19.99 32.96 -1.95
CA GLY B 248 -21.31 33.35 -1.46
C GLY B 248 -22.36 32.31 -1.76
N SER B 249 -21.97 31.31 -2.54
CA SER B 249 -22.77 30.12 -2.76
C SER B 249 -21.81 29.00 -3.15
N LEU B 250 -22.26 27.76 -3.14
CA LEU B 250 -21.36 26.71 -3.53
C LEU B 250 -21.01 26.81 -4.99
N ASN B 251 -19.73 26.68 -5.29
CA ASN B 251 -19.25 26.62 -6.65
C ASN B 251 -18.09 25.64 -6.75
N LEU B 252 -17.79 25.22 -7.97
CA LEU B 252 -16.75 24.25 -8.23
C LEU B 252 -15.39 24.91 -8.37
N TYR B 253 -14.38 24.30 -7.77
CA TYR B 253 -12.99 24.69 -7.88
C TYR B 253 -12.15 23.46 -8.26
N VAL B 254 -11.02 23.73 -8.83
N VAL B 254 -11.00 23.74 -8.78
CA VAL B 254 -10.07 22.65 -9.04
CA VAL B 254 -10.06 22.67 -9.10
C VAL B 254 -8.72 23.06 -8.46
C VAL B 254 -8.68 23.02 -8.57
N ASP B 256 -4.66 22.27 -8.67
CA ASP B 256 -3.65 21.57 -9.41
C ASP B 256 -2.81 20.88 -8.34
N LEU B 257 -2.76 19.56 -8.38
CA LEU B 257 -2.15 18.83 -7.31
C LEU B 257 -0.67 19.12 -7.15
N ALA B 258 0.02 19.27 -8.26
CA ALA B 258 1.44 19.50 -8.21
C ALA B 258 1.79 20.82 -7.56
N SER B 259 1.08 21.89 -7.92
CA SER B 259 1.40 23.22 -7.44
C SER B 259 0.61 23.62 -6.19
N GLY B 260 -0.48 22.92 -5.94
CA GLY B 260 -1.38 23.27 -4.85
C GLY B 260 -2.32 24.42 -5.15
N GLN B 261 -2.21 25.01 -6.32
CA GLN B 261 -2.97 26.19 -6.63
C GLN B 261 -4.40 25.93 -7.09
N ILE B 262 -5.32 26.72 -6.58
CA ILE B 262 -6.73 26.47 -6.82
C ILE B 262 -7.35 27.50 -7.76
N SER B 263 -8.16 27.03 -8.71
N SER B 263 -8.17 27.01 -8.70
CA SER B 263 -8.85 27.92 -9.63
CA SER B 263 -8.86 27.86 -9.66
C SER B 263 -10.35 27.64 -9.64
C SER B 263 -10.36 27.63 -9.61
N GLN B 264 -11.15 28.69 -9.79
CA GLN B 264 -12.60 28.58 -9.78
C GLN B 264 -13.13 28.10 -11.13
N VAL B 265 -14.10 27.19 -11.11
CA VAL B 265 -14.69 26.60 -12.29
C VAL B 265 -16.10 27.03 -12.65
N THR B 266 -16.93 27.25 -11.65
CA THR B 266 -18.26 27.79 -11.85
C THR B 266 -18.43 29.04 -10.99
N ASP B 267 -19.21 29.98 -11.48
CA ASP B 267 -19.46 31.21 -10.76
C ASP B 267 -20.93 31.57 -10.62
N GLY B 268 -21.81 30.59 -10.62
CA GLY B 268 -23.23 30.86 -10.50
C GLY B 268 -23.65 31.34 -9.13
N ARG B 269 -24.77 32.06 -9.05
CA ARG B 269 -25.29 32.48 -7.75
C ARG B 269 -26.02 31.34 -7.04
N SER B 270 -26.29 30.29 -7.79
CA SER B 270 -26.84 29.05 -7.30
C SER B 270 -25.78 28.21 -6.58
N ASN B 271 -26.22 27.14 -5.94
CA ASN B 271 -25.31 26.17 -5.37
C ASN B 271 -24.95 25.11 -6.38
N ASN B 272 -23.65 24.93 -6.56
CA ASN B 272 -23.10 24.02 -7.56
C ASN B 272 -22.07 23.12 -6.87
N THR B 273 -22.30 21.81 -6.89
CA THR B 273 -21.52 20.91 -6.06
C THR B 273 -21.43 19.48 -6.65
N GLU B 274 -20.83 18.57 -5.90
CA GLU B 274 -20.77 17.14 -6.25
C GLU B 274 -20.16 16.87 -7.64
N PRO B 275 -18.96 17.42 -7.90
CA PRO B 275 -18.31 17.18 -9.20
C PRO B 275 -17.91 15.72 -9.45
N SER B 276 -18.00 15.32 -10.71
CA SER B 276 -17.49 14.06 -11.20
C SER B 276 -16.82 14.28 -12.56
N TRP B 277 -15.65 13.71 -12.76
CA TRP B 277 -14.91 13.90 -13.99
C TRP B 277 -15.30 13.02 -15.17
N PHE B 278 -15.35 13.63 -16.35
CA PHE B 278 -15.32 12.92 -17.61
C PHE B 278 -13.90 12.41 -17.88
N PRO B 279 -13.76 11.45 -18.77
CA PRO B 279 -12.50 10.75 -18.95
C PRO B 279 -11.37 11.62 -19.48
N ASP B 280 -11.70 12.78 -20.04
CA ASP B 280 -10.70 13.68 -20.61
C ASP B 280 -10.02 14.58 -19.59
N SER B 281 -10.48 14.53 -18.37
CA SER B 281 -9.96 15.33 -17.29
C SER B 281 -10.10 16.82 -17.62
N GLN B 282 -11.10 17.18 -18.42
CA GLN B 282 -11.31 18.59 -18.74
C GLN B 282 -12.73 19.08 -18.49
N ASN B 283 -13.64 18.14 -18.30
CA ASN B 283 -15.04 18.44 -18.11
C ASN B 283 -15.56 17.78 -16.86
N LEU B 284 -16.51 18.45 -16.21
CA LEU B 284 -17.12 17.96 -14.99
C LEU B 284 -18.62 17.79 -15.11
N ALA B 285 -19.15 16.68 -14.62
CA ALA B 285 -20.59 16.66 -14.33
C ALA B 285 -20.77 17.12 -12.88
N TYR B 286 -21.88 17.78 -12.59
CA TYR B 286 -22.09 18.25 -11.22
C TYR B 286 -23.55 18.55 -10.97
N THR B 287 -23.88 18.84 -9.71
CA THR B 287 -25.26 19.12 -9.32
C THR B 287 -25.47 20.61 -9.09
N SER B 288 -26.52 21.15 -9.67
CA SER B 288 -26.86 22.56 -9.47
C SER B 288 -28.32 22.74 -9.06
N ASP B 289 -28.55 23.65 -8.13
CA ASP B 289 -29.91 23.93 -7.71
C ASP B 289 -30.50 25.16 -8.41
N GLN B 290 -29.89 25.60 -9.50
CA GLN B 290 -30.29 26.82 -10.18
C GLN B 290 -31.74 26.77 -10.65
N GLY B 291 -32.19 25.61 -11.06
CA GLY B 291 -33.54 25.49 -11.56
C GLY B 291 -34.58 25.33 -10.46
N GLY B 292 -34.14 25.30 -9.21
CA GLY B 292 -34.97 24.95 -8.10
C GLY B 292 -34.51 23.65 -7.45
N ARG B 293 -35.07 22.52 -7.85
CA ARG B 293 -34.59 21.25 -7.34
C ARG B 293 -33.25 20.90 -8.02
N PRO B 294 -32.43 20.10 -7.37
CA PRO B 294 -31.15 19.75 -7.97
C PRO B 294 -31.28 19.01 -9.31
N GLN B 295 -30.40 19.35 -10.23
CA GLN B 295 -30.26 18.70 -11.51
C GLN B 295 -28.76 18.64 -11.82
N VAL B 296 -28.41 17.77 -12.76
CA VAL B 296 -27.02 17.55 -13.11
C VAL B 296 -26.63 18.31 -14.38
N TYR B 297 -25.49 18.97 -14.31
CA TYR B 297 -24.98 19.81 -15.39
C TYR B 297 -23.58 19.34 -15.77
N LYS B 298 -23.12 19.82 -16.91
CA LYS B 298 -21.76 19.61 -17.38
C LYS B 298 -21.11 20.95 -17.70
N VAL B 299 -19.85 21.09 -17.31
CA VAL B 299 -19.08 22.27 -17.62
C VAL B 299 -17.62 21.90 -17.92
N ASN B 300 -17.04 22.59 -18.90
CA ASN B 300 -15.61 22.54 -19.15
C ASN B 300 -14.89 23.33 -18.07
N ILE B 301 -13.76 22.86 -17.60
CA ILE B 301 -13.07 23.52 -16.50
C ILE B 301 -12.30 24.79 -16.94
N ASN B 302 -12.26 25.03 -18.23
CA ASN B 302 -11.49 26.12 -18.79
C ASN B 302 -12.32 27.33 -19.17
N GLY B 303 -13.40 27.53 -18.45
CA GLY B 303 -14.29 28.61 -18.75
C GLY B 303 -15.14 27.93 -19.77
N GLY B 304 -16.26 27.44 -19.31
CA GLY B 304 -17.19 26.87 -20.23
C GLY B 304 -18.48 27.41 -19.68
N VAL B 305 -19.48 27.49 -20.53
CA VAL B 305 -20.80 27.75 -20.06
C VAL B 305 -21.43 26.43 -19.67
N PRO B 306 -22.06 26.38 -18.52
CA PRO B 306 -22.70 25.14 -18.07
C PRO B 306 -23.83 24.72 -18.97
N GLN B 307 -23.99 23.41 -19.15
N GLN B 307 -23.97 23.41 -19.16
CA GLN B 307 -25.10 22.88 -19.94
CA GLN B 307 -25.07 22.84 -19.93
C GLN B 307 -25.82 21.82 -19.15
C GLN B 307 -25.82 21.85 -19.06
N ARG B 308 -27.14 21.96 -19.02
CA ARG B 308 -27.94 21.00 -18.28
C ARG B 308 -27.94 19.61 -18.95
N ILE B 309 -27.74 18.57 -18.15
N ILE B 309 -27.72 18.57 -18.15
CA ILE B 309 -27.71 17.19 -18.65
CA ILE B 309 -27.72 17.20 -18.65
C ILE B 309 -29.01 16.44 -18.38
C ILE B 309 -29.06 16.50 -18.40
N THR B 310 -29.48 16.46 -17.14
CA THR B 310 -30.68 15.73 -16.76
C THR B 310 -31.94 16.60 -16.91
N TRP B 311 -32.71 16.32 -17.96
CA TRP B 311 -33.95 17.03 -18.22
C TRP B 311 -35.17 16.22 -17.82
N GLU B 312 -34.95 14.95 -17.54
CA GLU B 312 -36.05 14.05 -17.18
C GLU B 312 -36.02 13.72 -15.69
N GLY B 313 -37.16 13.86 -15.02
CA GLY B 313 -37.24 13.60 -13.60
C GLY B 313 -37.25 14.87 -12.76
N SER B 314 -37.94 14.81 -11.64
CA SER B 314 -38.07 15.92 -10.73
C SER B 314 -36.75 16.39 -10.13
N GLN B 315 -35.88 15.45 -9.80
CA GLN B 315 -34.64 15.76 -9.12
C GLN B 315 -33.55 14.77 -9.47
N ASN B 316 -32.37 15.28 -9.76
CA ASN B 316 -31.23 14.44 -10.09
C ASN B 316 -29.97 14.99 -9.45
N GLN B 317 -29.17 14.11 -8.84
CA GLN B 317 -27.97 14.54 -8.14
C GLN B 317 -26.95 13.43 -7.91
N ASN B 318 -25.80 13.81 -7.37
CA ASN B 318 -24.77 12.86 -7.02
C ASN B 318 -24.39 11.99 -8.21
N ALA B 319 -24.20 12.59 -9.36
CA ALA B 319 -23.81 11.79 -10.52
C ALA B 319 -22.38 11.28 -10.46
N ASP B 320 -22.19 10.08 -10.98
CA ASP B 320 -20.85 9.58 -11.20
C ASP B 320 -20.74 9.31 -12.70
N VAL B 321 -19.72 9.87 -13.35
CA VAL B 321 -19.57 9.67 -14.80
C VAL B 321 -18.85 8.34 -15.02
N SER B 322 -19.32 7.55 -15.99
CA SER B 322 -18.71 6.25 -16.26
C SER B 322 -17.26 6.41 -16.76
N PRO B 323 -16.44 5.38 -16.57
CA PRO B 323 -15.05 5.45 -17.06
C PRO B 323 -14.95 5.76 -18.56
N ASP B 324 -15.90 5.31 -19.36
CA ASP B 324 -15.82 5.56 -20.80
C ASP B 324 -16.53 6.86 -21.21
N GLY B 325 -17.15 7.52 -20.25
CA GLY B 325 -17.78 8.82 -20.47
C GLY B 325 -19.12 8.76 -21.18
N LYS B 326 -19.64 7.55 -21.37
CA LYS B 326 -20.88 7.39 -22.14
C LYS B 326 -22.15 7.42 -21.31
N PHE B 327 -22.04 7.25 -19.99
CA PHE B 327 -23.24 7.35 -19.16
C PHE B 327 -22.95 7.89 -17.76
N LEU B 328 -24.03 8.27 -17.10
CA LEU B 328 -24.01 8.71 -15.71
C LEU B 328 -24.71 7.67 -14.89
N VAL B 329 -24.23 7.44 -13.67
CA VAL B 329 -25.09 6.80 -12.68
C VAL B 329 -25.35 7.84 -11.58
N LEU B 330 -26.60 7.99 -11.17
CA LEU B 330 -26.96 9.09 -10.29
C LEU B 330 -28.08 8.74 -9.32
N VAL B 331 -28.44 9.70 -8.46
CA VAL B 331 -29.59 9.53 -7.57
C VAL B 331 -30.75 10.31 -8.15
N SER B 332 -31.81 9.61 -8.55
CA SER B 332 -32.95 10.24 -9.18
C SER B 332 -34.12 10.29 -8.22
N SER B 333 -34.67 11.51 -8.07
CA SER B 333 -35.66 11.89 -7.07
C SER B 333 -35.38 11.27 -5.70
N ALA B 337 -39.08 6.64 -3.69
CA ALA B 337 -39.04 7.97 -4.27
C ALA B 337 -37.62 8.35 -4.66
N GLN B 338 -36.65 7.69 -4.05
CA GLN B 338 -35.23 7.99 -4.26
C GLN B 338 -34.43 6.76 -4.66
N HIS B 339 -34.00 6.70 -5.91
CA HIS B 339 -33.30 5.51 -6.42
C HIS B 339 -32.08 5.81 -7.28
N ILE B 340 -31.24 4.81 -7.43
CA ILE B 340 -30.11 4.85 -8.34
C ILE B 340 -30.60 4.68 -9.77
N ALA B 341 -30.15 5.55 -10.67
CA ALA B 341 -30.56 5.45 -12.07
C ALA B 341 -29.36 5.70 -12.99
N LYS B 342 -29.44 5.12 -14.18
CA LYS B 342 -28.44 5.31 -15.21
C LYS B 342 -29.02 6.19 -16.31
N GLN B 343 -28.22 7.15 -16.78
CA GLN B 343 -28.61 7.91 -17.96
C GLN B 343 -27.53 7.85 -19.03
N ASP B 344 -27.91 7.41 -20.22
N ASP B 344 -27.92 7.40 -20.21
CA ASP B 344 -27.03 7.36 -21.37
CA ASP B 344 -27.05 7.39 -21.37
C ASP B 344 -26.94 8.73 -22.00
C ASP B 344 -26.95 8.81 -21.88
N LEU B 345 -25.73 9.29 -22.08
CA LEU B 345 -25.56 10.67 -22.47
C LEU B 345 -25.94 10.96 -23.93
N GLU B 346 -25.62 10.03 -24.82
N GLU B 346 -25.66 10.02 -24.82
CA GLU B 346 -25.94 10.19 -26.24
CA GLU B 346 -25.94 10.22 -26.23
C GLU B 346 -27.44 10.28 -26.48
C GLU B 346 -27.44 10.23 -26.53
N THR B 347 -28.20 9.40 -25.82
CA THR B 347 -29.63 9.24 -26.13
C THR B 347 -30.57 9.84 -25.10
N GLY B 348 -30.06 10.12 -23.91
CA GLY B 348 -30.89 10.59 -22.82
C GLY B 348 -31.71 9.48 -22.18
N ALA B 349 -31.44 8.24 -22.57
CA ALA B 349 -32.24 7.11 -22.07
C ALA B 349 -32.01 6.96 -20.58
N VAL B 350 -33.10 6.89 -19.81
CA VAL B 350 -33.00 6.72 -18.37
C VAL B 350 -33.47 5.34 -17.92
N GLN B 351 -32.63 4.66 -17.14
CA GLN B 351 -32.98 3.35 -16.58
C GLN B 351 -32.82 3.38 -15.06
N VAL B 352 -33.92 3.20 -14.35
CA VAL B 352 -33.87 3.07 -12.90
C VAL B 352 -33.33 1.69 -12.56
N LEU B 353 -32.29 1.64 -11.74
CA LEU B 353 -31.59 0.38 -11.52
C LEU B 353 -32.02 -0.33 -10.24
N THR B 354 -32.57 0.41 -9.29
CA THR B 354 -32.77 -0.14 -7.95
C THR B 354 -34.18 0.09 -7.42
N ASP B 355 -34.57 -0.70 -6.41
CA ASP B 355 -35.85 -0.49 -5.73
C ASP B 355 -35.67 -0.46 -4.21
N THR B 356 -34.44 -0.27 -3.78
CA THR B 356 -34.10 -0.12 -2.36
C THR B 356 -34.50 1.27 -1.82
N LEU B 357 -34.44 1.44 -0.50
CA LEU B 357 -34.95 2.64 0.16
C LEU B 357 -33.85 3.69 0.41
N LEU B 358 -34.14 4.93 0.03
CA LEU B 358 -33.26 6.05 0.28
C LEU B 358 -31.85 5.82 -0.26
N ASP B 359 -31.76 5.50 -1.54
CA ASP B 359 -30.48 5.19 -2.17
C ASP B 359 -29.58 6.42 -2.21
N GLU B 360 -28.31 6.26 -1.93
CA GLU B 360 -27.38 7.39 -1.89
C GLU B 360 -26.04 7.12 -2.55
N THR B 361 -25.44 8.16 -3.11
CA THR B 361 -24.04 8.21 -3.49
C THR B 361 -23.45 7.02 -4.27
N PRO B 362 -23.94 6.77 -5.47
CA PRO B 362 -23.40 5.69 -6.31
C PRO B 362 -21.95 5.92 -6.75
N SER B 363 -21.18 4.84 -6.84
CA SER B 363 -19.83 4.88 -7.33
C SER B 363 -19.59 3.71 -8.30
N ILE B 364 -19.10 4.01 -9.49
CA ILE B 364 -18.95 3.00 -10.51
C ILE B 364 -17.59 2.31 -10.50
N ALA B 365 -17.60 0.99 -10.62
CA ALA B 365 -16.37 0.24 -10.71
C ALA B 365 -15.55 0.68 -11.93
N PRO B 366 -14.22 0.51 -11.88
CA PRO B 366 -13.38 1.06 -12.95
C PRO B 366 -13.55 0.42 -14.33
N ASN B 367 -14.25 -0.72 -14.44
CA ASN B 367 -14.52 -1.29 -15.75
C ASN B 367 -15.95 -0.98 -16.21
N GLY B 368 -16.64 -0.16 -15.43
CA GLY B 368 -17.96 0.36 -15.78
C GLY B 368 -19.11 -0.62 -15.70
N THR B 369 -18.91 -1.78 -15.08
CA THR B 369 -19.93 -2.82 -15.15
C THR B 369 -20.79 -2.91 -13.90
N VAL B 371 -22.00 -1.00 -9.86
CA VAL B 371 -22.18 0.19 -9.03
C VAL B 371 -22.25 -0.19 -7.56
N ILE B 372 -21.56 0.55 -6.71
CA ILE B 372 -21.72 0.40 -5.27
C ILE B 372 -22.44 1.65 -4.73
N TYR B 373 -23.36 1.48 -3.80
CA TYR B 373 -24.09 2.62 -3.25
C TYR B 373 -24.63 2.26 -1.86
N SER B 374 -25.22 3.21 -1.16
CA SER B 374 -25.76 2.88 0.13
C SER B 374 -27.26 3.05 0.17
N SER B 375 -27.92 2.25 0.99
CA SER B 375 -29.33 2.37 1.18
C SER B 375 -29.69 2.05 2.60
N THR B 376 -30.93 2.29 2.95
CA THR B 376 -31.38 2.08 4.31
C THR B 376 -32.07 0.73 4.41
N GLN B 377 -31.56 -0.12 5.29
CA GLN B 377 -32.13 -1.44 5.48
C GLN B 377 -32.52 -1.52 6.94
N GLY B 378 -33.80 -1.61 7.20
CA GLY B 378 -34.26 -1.53 8.57
C GLY B 378 -33.88 -0.22 9.19
N LEU B 379 -33.21 -0.32 10.33
CA LEU B 379 -32.72 0.82 11.08
C LEU B 379 -31.33 1.27 10.66
N GLY B 380 -30.74 0.58 9.71
CA GLY B 380 -29.35 0.85 9.37
C GLY B 380 -29.08 1.10 7.89
N SER B 381 -28.00 1.83 7.63
CA SER B 381 -27.48 2.11 6.30
C SER B 381 -26.48 1.05 5.93
N VAL B 382 -26.63 0.45 4.75
CA VAL B 382 -25.79 -0.62 4.27
C VAL B 382 -25.35 -0.44 2.82
N LEU B 383 -24.30 -1.14 2.45
CA LEU B 383 -23.75 -1.06 1.10
C LEU B 383 -24.31 -2.10 0.13
N GLN B 384 -24.71 -1.62 -1.01
CA GLN B 384 -25.46 -2.36 -2.03
C GLN B 384 -24.65 -2.42 -3.32
N LEU B 385 -24.81 -3.48 -4.10
CA LEU B 385 -24.22 -3.57 -5.45
C LEU B 385 -25.30 -3.77 -6.49
N VAL B 386 -25.21 -3.06 -7.60
CA VAL B 386 -26.10 -3.33 -8.73
C VAL B 386 -25.29 -3.20 -10.01
N SER B 387 -25.52 -4.11 -10.97
CA SER B 387 -24.83 -4.01 -12.25
C SER B 387 -25.35 -2.81 -13.02
N THR B 388 -24.56 -2.29 -13.94
CA THR B 388 -24.98 -1.10 -14.66
C THR B 388 -26.07 -1.39 -15.68
N ASP B 389 -26.34 -2.66 -15.97
CA ASP B 389 -27.52 -3.00 -16.77
C ASP B 389 -28.72 -3.39 -15.90
N GLY B 390 -28.54 -3.34 -14.58
CA GLY B 390 -29.61 -3.60 -13.64
C GLY B 390 -30.00 -5.06 -13.38
N ARG B 391 -29.33 -6.01 -14.03
CA ARG B 391 -29.78 -7.38 -13.95
C ARG B 391 -29.30 -8.10 -12.68
N PHE B 392 -28.15 -7.68 -12.17
CA PHE B 392 -27.49 -8.35 -11.05
C PHE B 392 -27.57 -7.47 -9.80
N LYS B 393 -27.92 -8.04 -8.66
CA LYS B 393 -27.93 -7.24 -7.41
C LYS B 393 -27.32 -8.05 -6.27
N ALA B 394 -26.61 -7.36 -5.38
CA ALA B 394 -26.00 -8.04 -4.24
C ALA B 394 -25.80 -7.07 -3.09
N ARG B 395 -25.45 -7.60 -1.93
CA ARG B 395 -25.17 -6.79 -0.74
C ARG B 395 -23.79 -7.09 -0.19
N LEU B 396 -23.07 -6.07 0.25
CA LEU B 396 -21.76 -6.29 0.85
C LEU B 396 -21.89 -6.88 2.22
N PRO B 397 -20.79 -7.43 2.70
CA PRO B 397 -20.80 -8.04 4.02
C PRO B 397 -21.22 -6.97 5.01
N ALA B 398 -22.06 -7.33 5.97
CA ALA B 398 -22.53 -6.34 6.90
C ALA B 398 -21.44 -5.92 7.84
N THR B 399 -21.59 -4.72 8.36
CA THR B 399 -20.63 -4.15 9.31
C THR B 399 -21.26 -3.66 10.60
N ASP B 400 -20.39 -3.39 11.56
CA ASP B 400 -20.78 -3.00 12.90
C ASP B 400 -21.09 -1.53 13.05
N GLY B 401 -22.02 -1.02 12.26
CA GLY B 401 -22.43 0.37 12.35
C GLY B 401 -23.13 0.83 11.09
N GLN B 402 -23.43 2.12 10.97
CA GLN B 402 -24.02 2.66 9.76
C GLN B 402 -22.94 2.94 8.75
N VAL B 403 -23.15 2.47 7.53
CA VAL B 403 -22.14 2.60 6.49
C VAL B 403 -22.65 3.52 5.39
N LYS B 404 -21.80 4.45 4.99
CA LYS B 404 -22.15 5.45 4.02
C LYS B 404 -20.99 5.84 3.12
N PHE B 405 -21.31 6.57 2.07
CA PHE B 405 -20.33 7.14 1.15
C PHE B 405 -19.31 6.15 0.54
N PRO B 406 -19.76 5.06 -0.04
CA PRO B 406 -18.81 4.14 -0.68
C PRO B 406 -18.14 4.77 -1.89
N ALA B 407 -16.87 4.48 -2.10
CA ALA B 407 -16.18 4.90 -3.31
C ALA B 407 -15.34 3.76 -3.89
N TRP B 408 -15.52 3.45 -5.15
CA TRP B 408 -14.80 2.36 -5.78
C TRP B 408 -13.43 2.85 -6.28
N SER B 409 -12.39 2.10 -6.00
CA SER B 409 -11.06 2.50 -6.34
C SER B 409 -10.83 2.38 -7.82
N PRO B 410 -9.77 2.99 -8.31
CA PRO B 410 -9.35 2.79 -9.68
C PRO B 410 -8.74 1.41 -9.78
N TYR B 411 -8.40 0.98 -10.98
CA TYR B 411 -7.65 -0.25 -11.10
C TYR B 411 -6.39 -0.16 -10.26
N LEU B 412 -5.98 -1.30 -9.73
CA LEU B 412 -4.79 -1.39 -8.88
C LEU B 412 -3.87 -2.47 -9.44
#